data_8FGF
#
_entry.id   8FGF
#
_cell.length_a   52.397
_cell.length_b   121.940
_cell.length_c   164.895
_cell.angle_alpha   90.000
_cell.angle_beta   90.000
_cell.angle_gamma   90.000
#
_symmetry.space_group_name_H-M   'P 21 21 21'
#
loop_
_entity.id
_entity.type
_entity.pdbx_description
1 polymer 'Nitric oxide synthase, brain'
2 non-polymer 'PROTOPORPHYRIN IX CONTAINING FE'
3 non-polymer 5,6,7,8-TETRAHYDROBIOPTERIN
4 non-polymer 6-(2-{5-[2-(dimethylamino)ethyl]-2,3-difluorophenyl}ethyl)pyridin-2-amine
5 non-polymer GLYCEROL
6 non-polymer 'ZINC ION'
7 water water
#
_entity_poly.entity_id   1
_entity_poly.type   'polypeptide(L)'
_entity_poly.pdbx_seq_one_letter_code
;CPRFLKVKNWETEVVLTDTLHLKSTLETGCTEYICMGSIMHPSQHARRPEDVATKDQLFPLAKEFIDQYYSSIKRFGSKA
HMERLEEVNKEIDTTSTYQLKDTELIYGAKHAWRNASRCVGRIQWSKLQVFDARDCTTAHGMFNYICNHVKYATNKGNLR
SAITIFPQRTDGKHDFRVWNSQLIRYAGYKQPDGSTLGDPANVQFTEICIQQGWKPPRGRFDVLPLLLQANGNDPELFQI
PPELVLEVPIRHPKFEWFKDLGLKWYGLPAVSNMLLEIGGLEFSACPFSGWYMGTEIGVRDYCDNSRYNILEEVAKKMNL
DMRKTSSLWKDQALVEINIAVLYSFQSDKVTIVDHHSATESFIKHMENEYRCRGGCPADWVWIVPPMSGSITPVFHQEML
NYRLTPSFEYQPDPWNTHVWK
;
_entity_poly.pdbx_strand_id   A,B
#
loop_
_chem_comp.id
_chem_comp.type
_chem_comp.name
_chem_comp.formula
GOL non-polymer GLYCEROL 'C3 H8 O3'
H4B non-polymer 5,6,7,8-TETRAHYDROBIOPTERIN 'C9 H15 N5 O3'
HEM non-polymer 'PROTOPORPHYRIN IX CONTAINING FE' 'C34 H32 Fe N4 O4'
XVO non-polymer 6-(2-{5-[2-(dimethylamino)ethyl]-2,3-difluorophenyl}ethyl)pyridin-2-amine 'C17 H21 F2 N3'
ZN non-polymer 'ZINC ION' 'Zn 2'
#
# COMPACT_ATOMS: atom_id res chain seq x y z
N CYS A 1 -16.97 4.94 18.55
CA CYS A 1 -16.41 3.79 17.82
C CYS A 1 -17.25 2.53 18.04
N PRO A 2 -17.30 1.68 17.02
CA PRO A 2 -17.98 0.39 17.17
C PRO A 2 -17.16 -0.59 17.99
N ARG A 3 -17.85 -1.54 18.61
CA ARG A 3 -17.20 -2.42 19.59
C ARG A 3 -16.34 -3.49 18.93
N PHE A 4 -16.70 -3.94 17.74
CA PHE A 4 -15.95 -4.94 16.99
C PHE A 4 -15.73 -4.43 15.58
N LEU A 5 -14.53 -4.63 15.05
CA LEU A 5 -14.26 -4.35 13.64
C LEU A 5 -13.71 -5.61 12.98
N LYS A 6 -14.21 -5.91 11.79
CA LYS A 6 -13.80 -7.13 11.09
C LYS A 6 -12.83 -6.81 9.96
N VAL A 7 -11.82 -7.67 9.80
CA VAL A 7 -10.91 -7.62 8.67
C VAL A 7 -11.00 -8.94 7.95
N LYS A 8 -10.92 -8.89 6.62
CA LYS A 8 -11.01 -10.07 5.78
C LYS A 8 -9.73 -10.25 4.99
N ASN A 9 -9.36 -11.50 4.77
CA ASN A 9 -8.31 -11.86 3.81
C ASN A 9 -8.98 -12.30 2.52
N TRP A 10 -8.71 -11.61 1.41
CA TRP A 10 -9.47 -11.85 0.18
C TRP A 10 -8.97 -13.07 -0.61
N GLU A 11 -7.84 -13.64 -0.24
CA GLU A 11 -7.34 -14.87 -0.83
C GLU A 11 -7.88 -16.11 -0.11
N THR A 12 -7.95 -16.06 1.22
CA THR A 12 -8.29 -17.24 2.02
C THR A 12 -9.73 -17.22 2.54
N GLU A 13 -10.41 -16.09 2.49
CA GLU A 13 -11.73 -15.82 3.09
C GLU A 13 -11.70 -15.75 4.62
N VAL A 14 -10.55 -15.91 5.26
CA VAL A 14 -10.52 -15.82 6.72
C VAL A 14 -10.94 -14.43 7.16
N VAL A 15 -11.84 -14.36 8.14
CA VAL A 15 -12.29 -13.11 8.74
C VAL A 15 -11.83 -13.07 10.19
N LEU A 16 -11.23 -11.97 10.60
CA LEU A 16 -10.77 -11.75 11.97
C LEU A 16 -11.54 -10.58 12.57
N THR A 17 -11.63 -10.58 13.89
CA THR A 17 -12.44 -9.59 14.62
C THR A 17 -11.54 -8.80 15.55
N ASP A 18 -11.54 -7.48 15.41
CA ASP A 18 -10.63 -6.62 16.16
C ASP A 18 -11.38 -5.90 17.28
N THR A 19 -10.94 -6.12 18.52
CA THR A 19 -11.37 -5.31 19.66
C THR A 19 -10.25 -4.48 20.25
N LEU A 20 -8.99 -4.78 19.90
CA LEU A 20 -7.86 -4.08 20.48
C LEU A 20 -7.85 -2.60 20.09
N HIS A 21 -8.43 -2.25 18.94
CA HIS A 21 -8.46 -0.85 18.53
C HIS A 21 -9.13 0.05 19.57
N LEU A 22 -9.95 -0.51 20.46
CA LEU A 22 -10.60 0.33 21.46
C LEU A 22 -9.60 0.94 22.45
N LYS A 23 -8.40 0.39 22.51
CA LYS A 23 -7.36 0.91 23.39
C LYS A 23 -6.43 1.90 22.71
N SER A 24 -6.69 2.27 21.45
CA SER A 24 -5.79 3.18 20.76
C SER A 24 -5.73 4.51 21.51
N THR A 25 -4.55 5.12 21.53
CA THR A 25 -4.32 6.26 22.40
C THR A 25 -3.99 7.53 21.65
N LEU A 26 -3.24 7.44 20.56
CA LEU A 26 -2.80 8.63 19.85
C LEU A 26 -3.49 8.70 18.48
N GLU A 27 -3.32 9.84 17.82
CA GLU A 27 -3.95 10.10 16.53
C GLU A 27 -3.22 9.36 15.41
N THR A 28 -3.96 9.08 14.34
CA THR A 28 -3.42 8.48 13.13
C THR A 28 -3.09 9.50 12.06
N GLY A 29 -3.79 10.63 12.04
CA GLY A 29 -3.70 11.62 10.99
C GLY A 29 -4.90 11.63 10.07
N CYS A 30 -5.57 10.48 9.93
CA CYS A 30 -6.80 10.43 9.16
C CYS A 30 -7.91 11.14 9.92
N THR A 31 -8.96 11.47 9.18
CA THR A 31 -10.20 11.99 9.70
C THR A 31 -11.35 11.22 9.07
N GLU A 32 -12.58 11.60 9.43
CA GLU A 32 -13.75 11.02 8.82
C GLU A 32 -13.81 11.28 7.30
N TYR A 33 -13.16 12.35 6.83
CA TYR A 33 -13.28 12.78 5.45
C TYR A 33 -12.01 12.65 4.62
N ILE A 34 -10.86 12.37 5.24
CA ILE A 34 -9.63 12.18 4.49
C ILE A 34 -8.83 11.04 5.11
N CYS A 35 -8.15 10.28 4.26
CA CYS A 35 -7.27 9.22 4.71
C CYS A 35 -5.83 9.63 4.39
N MET A 36 -4.98 9.62 5.42
CA MET A 36 -3.57 9.97 5.28
C MET A 36 -2.68 8.74 5.35
N GLY A 37 -3.23 7.57 5.02
CA GLY A 37 -2.52 6.31 5.16
C GLY A 37 -1.21 6.22 4.41
N SER A 38 -1.00 7.02 3.37
CA SER A 38 0.26 6.93 2.65
C SER A 38 1.22 8.08 2.98
N ILE A 39 0.86 8.95 3.92
CA ILE A 39 1.74 10.02 4.38
C ILE A 39 2.80 9.42 5.29
N MET A 40 4.06 9.79 5.08
CA MET A 40 5.10 9.12 5.86
C MET A 40 5.15 9.60 7.31
N HIS A 41 5.05 10.91 7.54
CA HIS A 41 5.03 11.49 8.88
C HIS A 41 3.82 12.39 9.04
N PRO A 42 2.66 11.84 9.38
CA PRO A 42 1.48 12.70 9.64
C PRO A 42 1.54 13.27 11.04
N SER A 43 1.67 14.60 11.14
CA SER A 43 1.86 15.37 12.38
C SER A 43 2.31 14.56 13.60
N ARG A 48 7.85 21.41 19.20
CA ARG A 48 9.07 21.63 19.95
C ARG A 48 9.46 20.38 20.76
N PRO A 49 10.74 20.05 20.77
CA PRO A 49 11.22 18.90 21.57
C PRO A 49 11.56 19.20 23.03
N GLU A 50 11.49 20.46 23.47
CA GLU A 50 11.85 20.80 24.85
C GLU A 50 10.67 21.36 25.64
N ASP A 51 9.44 21.10 25.20
CA ASP A 51 8.28 21.20 26.07
C ASP A 51 7.99 19.78 26.56
N VAL A 52 8.24 19.53 27.84
CA VAL A 52 8.14 18.19 28.40
C VAL A 52 6.82 18.06 29.14
N ALA A 53 6.41 16.82 29.37
CA ALA A 53 5.13 16.56 30.02
C ALA A 53 5.07 17.19 31.40
N THR A 54 3.95 17.83 31.69
CA THR A 54 3.72 18.38 33.02
C THR A 54 3.39 17.26 34.00
N LYS A 55 3.38 17.59 35.30
CA LYS A 55 2.95 16.61 36.29
C LYS A 55 1.55 16.11 35.99
N ASP A 56 0.65 17.02 35.60
CA ASP A 56 -0.73 16.65 35.37
C ASP A 56 -0.88 15.77 34.14
N GLN A 57 -0.07 16.02 33.10
CA GLN A 57 -0.09 15.16 31.93
C GLN A 57 0.50 13.80 32.24
N LEU A 58 1.47 13.75 33.16
CA LEU A 58 2.25 12.54 33.34
C LEU A 58 1.51 11.51 34.18
N PHE A 59 0.82 11.96 35.24
CA PHE A 59 0.03 11.12 36.14
C PHE A 59 -0.80 10.09 35.38
N PRO A 60 -1.74 10.49 34.51
CA PRO A 60 -2.58 9.48 33.86
C PRO A 60 -1.82 8.61 32.88
N LEU A 61 -0.77 9.12 32.25
CA LEU A 61 -0.02 8.27 31.33
C LEU A 61 0.72 7.18 32.08
N ALA A 62 1.27 7.52 33.26
CA ALA A 62 1.97 6.53 34.07
C ALA A 62 1.00 5.48 34.60
N LYS A 63 -0.16 5.91 35.09
CA LYS A 63 -1.15 4.96 35.60
C LYS A 63 -1.60 3.99 34.51
N GLU A 64 -1.86 4.50 33.31
CA GLU A 64 -2.27 3.64 32.21
C GLU A 64 -1.22 2.57 31.92
N PHE A 65 0.05 2.96 31.91
CA PHE A 65 1.10 1.97 31.66
C PHE A 65 1.24 1.01 32.83
N ILE A 66 1.30 1.53 34.05
CA ILE A 66 1.43 0.66 35.22
C ILE A 66 0.27 -0.34 35.26
N ASP A 67 -0.96 0.13 35.00
CA ASP A 67 -2.11 -0.76 34.95
C ASP A 67 -1.94 -1.84 33.89
N GLN A 68 -1.47 -1.44 32.71
CA GLN A 68 -1.27 -2.41 31.64
C GLN A 68 -0.24 -3.45 32.04
N TYR A 69 0.82 -3.02 32.71
CA TYR A 69 1.89 -3.94 33.13
C TYR A 69 1.39 -4.93 34.16
N TYR A 70 0.71 -4.45 35.20
CA TYR A 70 0.23 -5.37 36.23
C TYR A 70 -0.84 -6.30 35.69
N SER A 71 -1.61 -5.85 34.70
CA SER A 71 -2.56 -6.75 34.06
C SER A 71 -1.83 -7.84 33.27
N SER A 72 -0.69 -7.51 32.66
CA SER A 72 0.03 -8.49 31.86
C SER A 72 0.64 -9.60 32.71
N ILE A 73 1.01 -9.30 33.95
CA ILE A 73 1.59 -10.30 34.85
C ILE A 73 0.53 -10.91 35.77
N LYS A 74 -0.75 -10.71 35.46
CA LYS A 74 -1.85 -11.31 36.23
C LYS A 74 -1.82 -10.89 37.69
N ARG A 75 -1.49 -9.62 37.95
CA ARG A 75 -1.51 -9.08 39.31
C ARG A 75 -2.31 -7.78 39.36
N PHE A 76 -3.29 -7.62 38.49
CA PHE A 76 -4.05 -6.38 38.46
C PHE A 76 -4.86 -6.21 39.73
N GLY A 77 -4.77 -5.04 40.35
CA GLY A 77 -5.49 -4.78 41.58
C GLY A 77 -4.81 -5.32 42.82
N SER A 78 -3.64 -5.94 42.69
CA SER A 78 -2.94 -6.54 43.81
C SER A 78 -2.29 -5.47 44.68
N LYS A 79 -1.81 -5.92 45.86
CA LYS A 79 -1.11 -5.02 46.77
C LYS A 79 0.12 -4.41 46.10
N ALA A 80 0.89 -5.23 45.38
CA ALA A 80 2.06 -4.70 44.66
C ALA A 80 1.66 -3.69 43.60
N HIS A 81 0.51 -3.90 42.95
CA HIS A 81 0.02 -2.95 41.95
C HIS A 81 -0.31 -1.61 42.60
N MET A 82 -1.13 -1.62 43.64
CA MET A 82 -1.53 -0.37 44.30
C MET A 82 -0.32 0.33 44.92
N GLU A 83 0.63 -0.44 45.45
CA GLU A 83 1.83 0.16 46.03
C GLU A 83 2.69 0.80 44.95
N ARG A 84 2.79 0.16 43.78
CA ARG A 84 3.57 0.75 42.69
C ARG A 84 2.92 2.02 42.18
N LEU A 85 1.59 2.02 42.05
CA LEU A 85 0.83 3.21 41.71
C LEU A 85 1.11 4.34 42.71
N GLU A 86 1.02 4.03 44.00
CA GLU A 86 1.28 5.04 45.02
C GLU A 86 2.72 5.54 44.95
N GLU A 87 3.68 4.65 44.74
CA GLU A 87 5.07 5.05 44.65
C GLU A 87 5.32 5.95 43.44
N VAL A 88 4.80 5.56 42.27
CA VAL A 88 4.94 6.39 41.08
C VAL A 88 4.31 7.76 41.30
N ASN A 89 3.12 7.78 41.90
CA ASN A 89 2.40 9.04 42.07
C ASN A 89 3.17 10.00 42.96
N LYS A 90 3.82 9.47 44.00
CA LYS A 90 4.64 10.32 44.86
C LYS A 90 5.87 10.85 44.11
N GLU A 91 6.52 9.99 43.32
CA GLU A 91 7.69 10.44 42.56
C GLU A 91 7.33 11.56 41.60
N ILE A 92 6.23 11.43 40.87
CA ILE A 92 5.83 12.50 39.97
C ILE A 92 5.55 13.78 40.75
N ASP A 93 5.01 13.64 41.96
CA ASP A 93 4.69 14.82 42.75
C ASP A 93 5.93 15.57 43.19
N THR A 94 6.92 14.85 43.74
CA THR A 94 8.08 15.50 44.33
C THR A 94 9.20 15.78 43.33
N THR A 95 9.25 15.07 42.19
CA THR A 95 10.34 15.24 41.25
C THR A 95 9.91 15.57 39.83
N SER A 96 8.61 15.58 39.54
CA SER A 96 8.03 15.87 38.23
C SER A 96 8.26 14.74 37.23
N THR A 97 8.82 13.61 37.66
CA THR A 97 9.05 12.49 36.76
C THR A 97 9.10 11.22 37.60
N TYR A 98 9.40 10.10 36.95
CA TYR A 98 9.57 8.88 37.70
C TYR A 98 10.51 7.95 36.94
N GLN A 99 10.95 6.89 37.62
CA GLN A 99 11.86 5.91 37.06
C GLN A 99 11.15 4.56 36.94
N LEU A 100 11.22 3.96 35.76
CA LEU A 100 10.73 2.61 35.56
C LEU A 100 11.61 1.59 36.28
N LYS A 101 10.97 0.56 36.83
CA LYS A 101 11.70 -0.63 37.26
C LYS A 101 12.24 -1.38 36.05
N ASP A 102 13.26 -2.20 36.29
CA ASP A 102 13.87 -2.95 35.18
C ASP A 102 12.84 -3.84 34.48
N THR A 103 11.97 -4.50 35.26
CA THR A 103 10.93 -5.34 34.66
C THR A 103 10.02 -4.51 33.75
N GLU A 104 9.68 -3.29 34.19
CA GLU A 104 8.77 -2.45 33.42
C GLU A 104 9.44 -1.91 32.16
N LEU A 105 10.71 -1.55 32.26
CA LEU A 105 11.48 -1.13 31.10
C LEU A 105 11.50 -2.22 30.04
N ILE A 106 11.70 -3.47 30.45
CA ILE A 106 11.76 -4.58 29.51
C ILE A 106 10.39 -4.83 28.90
N TYR A 107 9.35 -4.84 29.74
CA TYR A 107 8.00 -4.99 29.23
C TYR A 107 7.68 -3.88 28.23
N GLY A 108 8.05 -2.64 28.57
CA GLY A 108 7.73 -1.50 27.72
C GLY A 108 8.39 -1.58 26.35
N ALA A 109 9.67 -1.95 26.32
CA ALA A 109 10.40 -2.05 25.06
C ALA A 109 9.85 -3.17 24.18
N LYS A 110 9.58 -4.35 24.76
CA LYS A 110 9.00 -5.42 23.94
C LYS A 110 7.67 -4.99 23.36
N HIS A 111 6.87 -4.26 24.13
CA HIS A 111 5.54 -3.92 23.62
C HIS A 111 5.57 -2.76 22.65
N ALA A 112 6.58 -1.89 22.73
CA ALA A 112 6.72 -0.89 21.67
C ALA A 112 6.98 -1.54 20.33
N TRP A 113 7.78 -2.60 20.31
CA TRP A 113 7.99 -3.37 19.10
C TRP A 113 6.71 -4.12 18.73
N ARG A 114 6.10 -4.79 19.70
CA ARG A 114 4.83 -5.48 19.42
C ARG A 114 3.79 -4.55 18.81
N ASN A 115 3.83 -3.27 19.17
CA ASN A 115 2.85 -2.28 18.73
C ASN A 115 3.26 -1.56 17.46
N ALA A 116 4.46 -1.83 16.93
CA ALA A 116 4.96 -1.09 15.77
C ALA A 116 4.21 -1.53 14.52
N SER A 117 3.22 -0.72 14.09
CA SER A 117 2.35 -1.17 13.01
CA SER A 117 2.33 -1.08 12.99
C SER A 117 3.07 -1.30 11.68
N ARG A 118 4.19 -0.63 11.49
CA ARG A 118 4.92 -0.72 10.24
C ARG A 118 5.90 -1.89 10.17
N CYS A 119 6.03 -2.71 11.22
CA CYS A 119 7.05 -3.75 11.27
C CYS A 119 6.47 -5.10 10.91
N VAL A 120 7.01 -5.69 9.83
CA VAL A 120 6.62 -7.03 9.39
C VAL A 120 7.29 -8.12 10.22
N GLY A 121 8.28 -7.76 11.03
CA GLY A 121 9.04 -8.76 11.76
C GLY A 121 8.55 -9.05 13.17
N ARG A 122 7.37 -8.60 13.56
CA ARG A 122 6.95 -8.64 14.96
C ARG A 122 6.65 -10.04 15.49
N ILE A 123 6.70 -11.10 14.68
CA ILE A 123 6.47 -12.42 15.27
C ILE A 123 7.51 -12.71 16.34
N GLN A 124 8.62 -11.99 16.32
CA GLN A 124 9.77 -12.16 17.20
C GLN A 124 9.72 -11.27 18.44
N TRP A 125 8.64 -10.49 18.61
CA TRP A 125 8.69 -9.35 19.52
C TRP A 125 9.04 -9.76 20.96
N SER A 126 8.62 -10.94 21.40
CA SER A 126 8.90 -11.32 22.78
C SER A 126 10.35 -11.76 22.99
N LYS A 127 11.13 -11.95 21.92
CA LYS A 127 12.52 -12.39 22.00
C LYS A 127 13.44 -11.21 21.67
N LEU A 128 13.38 -10.19 22.50
CA LEU A 128 14.19 -8.99 22.38
C LEU A 128 15.10 -8.89 23.60
N GLN A 129 16.40 -8.76 23.39
CA GLN A 129 17.35 -8.57 24.50
C GLN A 129 17.42 -7.08 24.81
N VAL A 130 17.08 -6.70 26.04
CA VAL A 130 17.02 -5.30 26.43
C VAL A 130 18.27 -4.96 27.25
N PHE A 131 19.06 -3.98 26.79
CA PHE A 131 20.23 -3.53 27.54
C PHE A 131 19.89 -2.19 28.19
N ASP A 132 19.91 -2.17 29.53
CA ASP A 132 19.56 -0.99 30.31
C ASP A 132 20.81 -0.12 30.43
N ALA A 133 20.83 1.02 29.73
CA ALA A 133 21.96 1.93 29.77
C ALA A 133 21.61 3.26 30.43
N ARG A 134 20.67 3.24 31.37
CA ARG A 134 20.20 4.46 32.00
C ARG A 134 21.21 5.01 33.00
N ASP A 135 22.27 4.27 33.31
CA ASP A 135 23.35 4.80 34.16
C ASP A 135 24.43 5.55 33.37
N CYS A 136 24.27 5.68 32.06
CA CYS A 136 25.28 6.30 31.21
C CYS A 136 25.32 7.82 31.40
N THR A 137 26.53 8.40 31.42
CA THR A 137 26.67 9.84 31.61
C THR A 137 27.42 10.55 30.49
N THR A 138 28.21 9.86 29.67
CA THR A 138 29.08 10.54 28.71
C THR A 138 28.98 9.86 27.35
N ALA A 139 29.43 10.60 26.32
CA ALA A 139 29.45 10.03 24.98
C ALA A 139 30.39 8.84 24.90
N HIS A 140 31.50 8.86 25.64
CA HIS A 140 32.38 7.68 25.69
C HIS A 140 31.64 6.47 26.26
N GLY A 141 30.83 6.68 27.30
CA GLY A 141 30.04 5.58 27.83
C GLY A 141 28.99 5.09 26.84
N MET A 142 28.35 6.02 26.13
CA MET A 142 27.42 5.60 25.08
C MET A 142 28.13 4.75 24.03
N PHE A 143 29.34 5.15 23.65
CA PHE A 143 30.11 4.37 22.68
C PHE A 143 30.34 2.95 23.17
N ASN A 144 30.73 2.81 24.44
CA ASN A 144 30.93 1.48 25.01
C ASN A 144 29.65 0.65 24.93
N TYR A 145 28.51 1.24 25.29
CA TYR A 145 27.25 0.51 25.27
C TYR A 145 26.88 0.09 23.86
N ILE A 146 27.12 0.95 22.87
CA ILE A 146 26.72 0.66 21.50
C ILE A 146 27.60 -0.44 20.92
N CYS A 147 28.91 -0.40 21.17
CA CYS A 147 29.78 -1.48 20.72
C CYS A 147 29.35 -2.81 21.30
N ASN A 148 29.05 -2.84 22.61
CA ASN A 148 28.58 -4.08 23.23
C ASN A 148 27.28 -4.54 22.59
N HIS A 149 26.39 -3.61 22.31
CA HIS A 149 25.16 -3.97 21.60
C HIS A 149 25.49 -4.59 20.25
N VAL A 150 26.33 -3.92 19.46
CA VAL A 150 26.62 -4.40 18.11
C VAL A 150 27.21 -5.80 18.16
N LYS A 151 28.11 -6.03 19.10
CA LYS A 151 28.75 -7.34 19.18
C LYS A 151 27.76 -8.41 19.60
N TYR A 152 26.91 -8.11 20.58
CA TYR A 152 25.91 -9.08 21.03
C TYR A 152 24.95 -9.42 19.89
N ALA A 153 24.43 -8.38 19.23
CA ALA A 153 23.38 -8.57 18.21
C ALA A 153 23.95 -9.26 16.97
N THR A 154 25.20 -8.97 16.64
CA THR A 154 25.81 -9.59 15.46
C THR A 154 26.09 -11.06 15.69
N ASN A 155 26.70 -11.42 16.84
CA ASN A 155 26.81 -12.82 17.23
C ASN A 155 27.42 -13.67 16.11
N LYS A 156 28.43 -13.12 15.44
CA LYS A 156 29.15 -13.82 14.36
C LYS A 156 28.24 -14.22 13.20
N GLY A 157 27.14 -13.51 12.98
CA GLY A 157 26.23 -13.82 11.90
C GLY A 157 24.93 -14.47 12.35
N ASN A 158 24.90 -15.02 13.56
CA ASN A 158 23.66 -15.57 14.11
C ASN A 158 22.92 -14.45 14.86
N LEU A 159 22.33 -13.54 14.09
CA LEU A 159 21.88 -12.27 14.64
C LEU A 159 20.77 -12.44 15.66
N ARG A 160 20.80 -11.59 16.69
CA ARG A 160 19.90 -11.59 17.83
C ARG A 160 19.32 -10.18 17.96
N SER A 161 18.00 -10.07 18.03
CA SER A 161 17.41 -8.74 18.14
C SER A 161 17.70 -8.14 19.52
N ALA A 162 17.88 -6.82 19.56
CA ALA A 162 18.31 -6.19 20.79
C ALA A 162 18.00 -4.70 20.74
N ILE A 163 17.89 -4.11 21.93
CA ILE A 163 17.73 -2.66 22.07
C ILE A 163 18.58 -2.22 23.26
N THR A 164 19.21 -1.05 23.13
CA THR A 164 19.93 -0.43 24.24
C THR A 164 19.25 0.89 24.53
N ILE A 165 18.92 1.13 25.80
CA ILE A 165 18.10 2.27 26.20
C ILE A 165 18.91 3.18 27.13
N PHE A 166 19.15 4.39 26.68
CA PHE A 166 19.87 5.43 27.39
C PHE A 166 18.92 6.24 28.25
N PRO A 167 19.43 7.14 29.10
CA PRO A 167 18.54 7.84 30.03
C PRO A 167 17.46 8.65 29.34
N GLN A 168 16.29 8.68 29.98
CA GLN A 168 15.12 9.35 29.45
C GLN A 168 15.32 10.86 29.49
N ARG A 169 14.49 11.54 28.71
CA ARG A 169 14.49 13.00 28.67
C ARG A 169 14.06 13.58 30.01
N THR A 170 14.66 14.71 30.38
CA THR A 170 14.31 15.41 31.59
C THR A 170 13.69 16.73 31.19
N ASP A 171 14.46 17.81 31.06
CA ASP A 171 13.89 19.09 30.70
C ASP A 171 13.93 19.37 29.20
N GLY A 172 14.50 18.45 28.41
CA GLY A 172 14.64 18.65 26.98
C GLY A 172 15.92 19.35 26.57
N LYS A 173 16.71 19.84 27.52
CA LYS A 173 18.01 20.42 27.25
C LYS A 173 19.15 19.47 27.57
N HIS A 174 18.84 18.25 28.04
CA HIS A 174 19.86 17.27 28.40
C HIS A 174 19.62 15.95 27.69
N ASP A 175 19.10 15.99 26.47
CA ASP A 175 18.79 14.76 25.76
C ASP A 175 20.03 13.96 25.41
N PHE A 176 19.93 12.64 25.58
CA PHE A 176 20.82 11.71 24.92
C PHE A 176 20.32 11.44 23.51
N ARG A 177 21.21 11.55 22.52
CA ARG A 177 20.84 11.25 21.14
C ARG A 177 21.97 10.51 20.45
N VAL A 178 21.61 9.55 19.60
CA VAL A 178 22.50 9.07 18.56
C VAL A 178 22.17 9.87 17.30
N TRP A 179 23.11 10.67 16.81
CA TRP A 179 22.85 11.51 15.64
C TRP A 179 22.75 10.67 14.36
N ASN A 180 23.44 9.54 14.30
CA ASN A 180 23.24 8.59 13.20
C ASN A 180 21.80 8.13 13.14
N SER A 181 21.27 7.97 11.91
CA SER A 181 19.93 7.41 11.77
C SER A 181 19.94 5.89 11.95
N GLN A 182 21.01 5.23 11.54
CA GLN A 182 21.28 3.84 11.84
C GLN A 182 22.70 3.73 12.38
N LEU A 183 22.93 2.74 13.26
CA LEU A 183 24.28 2.56 13.83
C LEU A 183 25.32 2.31 12.74
N ILE A 184 24.99 1.48 11.75
CA ILE A 184 25.91 1.17 10.67
C ILE A 184 25.27 1.61 9.35
N ARG A 185 25.89 2.59 8.67
CA ARG A 185 25.53 3.08 7.34
C ARG A 185 26.79 3.48 6.60
N TYR A 186 26.69 3.57 5.27
CA TYR A 186 27.81 3.98 4.43
C TYR A 186 27.75 5.48 4.12
N ALA A 187 28.92 6.12 4.11
CA ALA A 187 29.00 7.53 3.76
C ALA A 187 28.54 7.77 2.32
N GLY A 188 28.03 8.98 2.07
CA GLY A 188 27.86 9.47 0.72
C GLY A 188 28.56 10.81 0.52
N TYR A 189 29.19 10.98 -0.64
CA TYR A 189 30.01 12.15 -0.92
C TYR A 189 29.53 12.80 -2.21
N LYS A 190 29.09 14.06 -2.12
CA LYS A 190 28.76 14.87 -3.28
C LYS A 190 30.02 15.39 -3.95
N GLN A 191 30.14 15.17 -5.22
CA GLN A 191 31.26 15.57 -6.05
C GLN A 191 30.99 16.93 -6.68
N PRO A 192 32.05 17.70 -6.98
CA PRO A 192 31.87 18.99 -7.66
C PRO A 192 31.07 18.90 -8.95
N ASP A 193 31.14 17.79 -9.68
CA ASP A 193 30.42 17.69 -10.94
C ASP A 193 28.97 17.26 -10.76
N GLY A 194 28.51 17.14 -9.52
CA GLY A 194 27.13 16.77 -9.26
C GLY A 194 26.88 15.30 -9.03
N SER A 195 27.84 14.43 -9.37
CA SER A 195 27.69 13.01 -9.09
C SER A 195 27.88 12.73 -7.59
N THR A 196 27.50 11.52 -7.16
CA THR A 196 27.62 11.13 -5.76
C THR A 196 28.40 9.82 -5.66
N LEU A 197 29.36 9.78 -4.75
CA LEU A 197 30.08 8.55 -4.41
C LEU A 197 29.52 7.99 -3.12
N GLY A 198 29.31 6.67 -3.08
CA GLY A 198 28.73 6.02 -1.92
C GLY A 198 27.22 6.08 -1.92
N ASP A 199 26.64 6.25 -0.74
CA ASP A 199 25.19 6.16 -0.56
C ASP A 199 24.57 7.56 -0.57
N PRO A 200 23.88 7.97 -1.63
CA PRO A 200 23.41 9.36 -1.72
C PRO A 200 22.48 9.77 -0.58
N ALA A 201 21.78 8.82 0.05
CA ALA A 201 20.90 9.12 1.16
C ALA A 201 21.64 9.70 2.36
N ASN A 202 22.94 9.46 2.48
CA ASN A 202 23.68 9.88 3.67
C ASN A 202 24.60 11.06 3.40
N VAL A 203 24.33 11.83 2.34
CA VAL A 203 25.21 12.95 2.00
C VAL A 203 25.20 14.01 3.10
N GLN A 204 24.00 14.35 3.61
CA GLN A 204 23.92 15.40 4.62
C GLN A 204 24.65 14.97 5.90
N PHE A 205 24.39 13.76 6.37
CA PHE A 205 25.02 13.32 7.62
C PHE A 205 26.52 13.16 7.46
N THR A 206 26.96 12.70 6.29
CA THR A 206 28.39 12.62 6.02
C THR A 206 29.05 13.97 6.14
N GLU A 207 28.41 15.02 5.60
CA GLU A 207 28.98 16.36 5.68
C GLU A 207 29.10 16.83 7.13
N ILE A 208 28.10 16.52 7.97
CA ILE A 208 28.18 16.85 9.39
C ILE A 208 29.39 16.18 10.02
N CYS A 209 29.58 14.88 9.75
CA CYS A 209 30.70 14.15 10.33
C CYS A 209 32.04 14.78 9.94
N ILE A 210 32.19 15.11 8.65
CA ILE A 210 33.43 15.71 8.19
C ILE A 210 33.67 17.04 8.90
N GLN A 211 32.61 17.84 9.07
CA GLN A 211 32.77 19.11 9.76
C GLN A 211 33.16 18.91 11.21
N GLN A 212 32.67 17.84 11.84
CA GLN A 212 33.04 17.54 13.21
C GLN A 212 34.44 16.96 13.33
N GLY A 213 35.15 16.75 12.23
CA GLY A 213 36.52 16.27 12.27
C GLY A 213 36.75 14.91 11.64
N TRP A 214 35.74 14.21 11.15
CA TRP A 214 35.99 12.91 10.54
C TRP A 214 36.84 13.06 9.28
N LYS A 215 37.91 12.25 9.17
CA LYS A 215 38.70 12.19 7.95
C LYS A 215 38.11 11.13 7.03
N PRO A 216 37.50 11.50 5.92
CA PRO A 216 36.81 10.51 5.09
C PRO A 216 37.77 9.80 4.15
N PRO A 217 37.75 8.46 4.14
CA PRO A 217 38.49 7.73 3.09
C PRO A 217 37.95 7.95 1.69
N ARG A 218 36.71 8.41 1.55
CA ARG A 218 36.11 8.72 0.25
C ARG A 218 36.09 7.51 -0.68
N GLY A 219 35.42 6.45 -0.20
CA GLY A 219 35.18 5.26 -1.00
C GLY A 219 33.70 4.97 -1.15
N ARG A 220 33.38 3.83 -1.79
CA ARG A 220 32.00 3.50 -2.11
C ARG A 220 31.24 2.95 -0.91
N PHE A 221 31.96 2.37 0.06
CA PHE A 221 31.36 1.68 1.18
C PHE A 221 32.12 1.98 2.47
N ASP A 222 32.21 3.27 2.84
CA ASP A 222 32.90 3.66 4.08
C ASP A 222 31.88 3.70 5.21
N VAL A 223 32.09 2.86 6.23
CA VAL A 223 31.23 2.91 7.41
C VAL A 223 31.39 4.27 8.10
N LEU A 224 30.26 4.91 8.35
CA LEU A 224 30.25 6.21 9.01
C LEU A 224 30.63 6.07 10.49
N PRO A 225 31.24 7.10 11.07
CA PRO A 225 31.51 7.07 12.52
C PRO A 225 30.24 7.34 13.30
N LEU A 226 30.25 6.94 14.58
CA LEU A 226 29.15 7.29 15.45
C LEU A 226 29.31 8.73 15.92
N LEU A 227 28.20 9.45 16.00
CA LEU A 227 28.16 10.84 16.48
C LEU A 227 27.19 10.85 17.64
N LEU A 228 27.72 10.93 18.86
CA LEU A 228 26.97 10.58 20.06
C LEU A 228 26.88 11.78 21.00
N GLN A 229 25.66 12.03 21.48
CA GLN A 229 25.35 13.19 22.32
C GLN A 229 24.84 12.66 23.66
N ALA A 230 25.55 12.99 24.73
CA ALA A 230 25.13 12.59 26.08
C ALA A 230 24.73 13.83 26.86
N ASN A 231 23.61 13.74 27.57
CA ASN A 231 23.21 14.77 28.53
C ASN A 231 23.13 16.16 27.90
N GLY A 232 22.68 16.22 26.64
CA GLY A 232 22.55 17.48 25.95
C GLY A 232 23.83 18.15 25.54
N ASN A 233 25.00 17.56 25.83
CA ASN A 233 26.26 18.18 25.40
C ASN A 233 26.44 18.08 23.88
N ASP A 234 27.46 18.76 23.37
CA ASP A 234 27.76 18.66 21.94
C ASP A 234 28.10 17.20 21.61
N PRO A 235 27.72 16.71 20.44
CA PRO A 235 28.01 15.32 20.10
C PRO A 235 29.49 15.12 19.83
N GLU A 236 29.92 13.87 19.95
CA GLU A 236 31.31 13.48 19.83
C GLU A 236 31.42 12.28 18.89
N LEU A 237 32.49 12.25 18.09
CA LEU A 237 32.72 11.24 17.07
C LEU A 237 33.48 10.04 17.61
N PHE A 238 33.05 8.84 17.21
CA PHE A 238 33.76 7.60 17.51
C PHE A 238 33.71 6.68 16.30
N GLN A 239 34.82 6.01 16.01
CA GLN A 239 34.87 5.01 14.96
C GLN A 239 34.46 3.64 15.53
N ILE A 240 33.47 3.00 14.93
CA ILE A 240 33.16 1.63 15.36
C ILE A 240 34.34 0.73 14.97
N PRO A 241 34.83 -0.12 15.86
CA PRO A 241 35.92 -1.02 15.49
C PRO A 241 35.51 -1.89 14.31
N PRO A 242 36.29 -1.87 13.24
CA PRO A 242 35.84 -2.53 12.00
C PRO A 242 35.57 -4.01 12.19
N GLU A 243 36.25 -4.69 13.12
CA GLU A 243 35.98 -6.10 13.34
C GLU A 243 34.58 -6.34 13.89
N LEU A 244 33.94 -5.30 14.44
CA LEU A 244 32.57 -5.42 14.91
C LEU A 244 31.54 -5.22 13.80
N VAL A 245 31.96 -4.81 12.60
CA VAL A 245 31.02 -4.52 11.51
C VAL A 245 31.09 -5.70 10.55
N LEU A 246 30.13 -6.62 10.67
CA LEU A 246 30.05 -7.76 9.78
C LEU A 246 29.51 -7.30 8.42
N GLU A 247 30.19 -7.70 7.35
CA GLU A 247 29.81 -7.30 6.01
C GLU A 247 29.74 -8.53 5.11
N VAL A 248 28.94 -8.42 4.05
CA VAL A 248 28.69 -9.53 3.15
C VAL A 248 29.00 -9.07 1.72
N PRO A 249 29.98 -9.65 1.04
CA PRO A 249 30.15 -9.36 -0.39
C PRO A 249 29.01 -10.01 -1.17
N ILE A 250 28.48 -9.28 -2.14
CA ILE A 250 27.31 -9.75 -2.89
C ILE A 250 27.78 -10.49 -4.14
N ARG A 251 27.37 -11.75 -4.26
CA ARG A 251 27.62 -12.53 -5.47
C ARG A 251 26.34 -13.23 -5.88
N HIS A 252 26.36 -13.80 -7.08
CA HIS A 252 25.16 -14.38 -7.66
C HIS A 252 25.38 -15.87 -7.92
N PRO A 253 24.39 -16.72 -7.63
CA PRO A 253 24.60 -18.16 -7.82
C PRO A 253 24.82 -18.57 -9.26
N LYS A 254 24.36 -17.80 -10.23
CA LYS A 254 24.52 -18.14 -11.64
C LYS A 254 25.46 -17.21 -12.40
N PHE A 255 25.38 -15.91 -12.17
CA PHE A 255 26.15 -14.93 -12.93
C PHE A 255 27.51 -14.75 -12.25
N GLU A 256 28.55 -15.30 -12.89
CA GLU A 256 29.90 -15.14 -12.35
C GLU A 256 30.31 -13.67 -12.34
N TRP A 257 29.75 -12.87 -13.24
CA TRP A 257 30.17 -11.47 -13.33
C TRP A 257 29.61 -10.61 -12.20
N PHE A 258 28.66 -11.12 -11.42
CA PHE A 258 28.02 -10.26 -10.42
C PHE A 258 29.01 -9.81 -9.36
N LYS A 259 29.95 -10.68 -8.97
CA LYS A 259 30.96 -10.26 -8.01
C LYS A 259 31.81 -9.12 -8.54
N ASP A 260 32.01 -9.04 -9.85
CA ASP A 260 32.81 -7.96 -10.41
C ASP A 260 32.15 -6.60 -10.28
N LEU A 261 30.91 -6.52 -9.83
CA LEU A 261 30.30 -5.23 -9.53
C LEU A 261 30.82 -4.62 -8.23
N GLY A 262 31.49 -5.40 -7.40
CA GLY A 262 32.09 -4.89 -6.18
C GLY A 262 31.11 -4.47 -5.11
N LEU A 263 29.92 -5.06 -5.09
CA LEU A 263 28.93 -4.68 -4.10
C LEU A 263 29.11 -5.49 -2.83
N LYS A 264 28.77 -4.85 -1.70
CA LYS A 264 28.70 -5.52 -0.42
C LYS A 264 27.69 -4.76 0.42
N TRP A 265 27.33 -5.33 1.56
CA TRP A 265 26.44 -4.67 2.50
C TRP A 265 26.74 -5.16 3.91
N TYR A 266 26.38 -4.36 4.90
CA TYR A 266 26.55 -4.75 6.29
C TYR A 266 25.43 -5.67 6.73
N GLY A 267 25.73 -6.52 7.73
CA GLY A 267 24.78 -7.52 8.17
C GLY A 267 23.72 -7.03 9.13
N LEU A 268 23.99 -5.97 9.89
CA LEU A 268 23.13 -5.62 11.03
C LEU A 268 22.29 -4.38 10.77
N PRO A 269 20.97 -4.48 10.62
CA PRO A 269 20.14 -3.28 10.53
C PRO A 269 19.81 -2.77 11.93
N ALA A 270 20.29 -1.57 12.26
CA ALA A 270 20.16 -1.04 13.62
C ALA A 270 19.67 0.41 13.56
N VAL A 271 18.38 0.61 13.78
CA VAL A 271 17.78 1.94 13.79
C VAL A 271 18.13 2.69 15.06
N SER A 272 18.64 3.91 14.91
CA SER A 272 19.13 4.63 16.07
C SER A 272 18.55 6.04 16.24
N ASN A 273 17.53 6.42 15.46
CA ASN A 273 17.02 7.79 15.56
C ASN A 273 15.60 7.86 16.07
N MET A 274 15.04 6.75 16.53
CA MET A 274 13.64 6.80 16.96
C MET A 274 13.54 7.09 18.45
N LEU A 275 12.35 7.49 18.86
CA LEU A 275 12.08 7.81 20.26
C LEU A 275 11.19 6.74 20.86
N LEU A 276 11.56 6.23 22.04
CA LEU A 276 10.78 5.19 22.71
C LEU A 276 9.96 5.83 23.83
N GLU A 277 8.63 5.69 23.74
CA GLU A 277 7.73 6.27 24.72
C GLU A 277 7.10 5.17 25.56
N ILE A 278 7.38 5.19 26.88
CA ILE A 278 6.83 4.22 27.84
C ILE A 278 6.26 5.00 29.01
N GLY A 279 4.95 4.85 29.24
CA GLY A 279 4.32 5.47 30.39
C GLY A 279 4.47 6.97 30.45
N GLY A 280 4.47 7.63 29.29
CA GLY A 280 4.72 9.05 29.25
C GLY A 280 6.18 9.46 29.42
N LEU A 281 7.08 8.50 29.63
CA LEU A 281 8.51 8.80 29.64
C LEU A 281 9.07 8.70 28.23
N GLU A 282 10.08 9.52 27.94
CA GLU A 282 10.59 9.67 26.58
C GLU A 282 12.06 9.26 26.54
N PHE A 283 12.36 8.13 25.90
CA PHE A 283 13.74 7.67 25.71
C PHE A 283 14.17 8.07 24.31
N SER A 284 14.91 9.19 24.22
CA SER A 284 15.30 9.78 22.95
C SER A 284 16.49 9.09 22.30
N ALA A 285 17.18 8.18 23.01
CA ALA A 285 18.26 7.39 22.45
C ALA A 285 17.97 5.94 22.82
N CYS A 286 17.57 5.13 21.83
CA CYS A 286 17.14 3.77 22.10
C CYS A 286 17.42 2.88 20.89
N PRO A 287 18.69 2.78 20.48
CA PRO A 287 19.01 2.02 19.26
C PRO A 287 18.60 0.56 19.38
N PHE A 288 17.92 0.08 18.35
CA PHE A 288 17.48 -1.31 18.32
C PHE A 288 17.84 -1.94 16.98
N SER A 289 17.95 -3.26 16.99
CA SER A 289 18.44 -3.95 15.80
C SER A 289 17.75 -5.30 15.68
N GLY A 290 17.58 -5.76 14.44
CA GLY A 290 17.07 -7.08 14.16
C GLY A 290 17.96 -7.81 13.16
N TRP A 291 17.34 -8.42 12.16
CA TRP A 291 18.03 -8.92 10.98
C TRP A 291 17.25 -8.45 9.74
N TYR A 292 17.93 -8.45 8.60
CA TYR A 292 17.35 -7.85 7.41
C TYR A 292 16.30 -8.75 6.76
N MET A 293 15.30 -8.11 6.15
CA MET A 293 14.55 -8.74 5.06
C MET A 293 15.25 -8.36 3.76
N GLY A 294 15.40 -9.34 2.88
CA GLY A 294 16.27 -9.17 1.72
C GLY A 294 15.93 -7.95 0.88
N THR A 295 14.64 -7.65 0.74
CA THR A 295 14.25 -6.53 -0.10
C THR A 295 14.71 -5.19 0.45
N GLU A 296 14.93 -5.06 1.77
CA GLU A 296 15.41 -3.78 2.27
C GLU A 296 16.74 -3.41 1.63
N ILE A 297 17.56 -4.41 1.32
CA ILE A 297 18.83 -4.17 0.64
C ILE A 297 18.65 -4.25 -0.87
N GLY A 298 18.04 -5.34 -1.34
CA GLY A 298 18.05 -5.64 -2.76
C GLY A 298 17.21 -4.69 -3.58
N VAL A 299 16.07 -4.25 -3.04
CA VAL A 299 15.15 -3.38 -3.77
C VAL A 299 15.38 -1.91 -3.45
N ARG A 300 15.40 -1.57 -2.16
CA ARG A 300 15.48 -0.16 -1.79
C ARG A 300 16.91 0.36 -1.84
N ASP A 301 17.81 -0.25 -1.06
CA ASP A 301 19.19 0.24 -0.96
C ASP A 301 19.91 0.20 -2.29
N TYR A 302 19.70 -0.86 -3.08
CA TYR A 302 20.45 -0.99 -4.32
C TYR A 302 19.75 -0.38 -5.52
N CYS A 303 18.41 -0.38 -5.53
CA CYS A 303 17.68 -0.06 -6.76
C CYS A 303 16.82 1.19 -6.69
N ASP A 304 16.67 1.82 -5.53
CA ASP A 304 16.05 3.14 -5.50
C ASP A 304 16.88 4.09 -6.37
N ASN A 305 16.20 4.93 -7.14
CA ASN A 305 16.90 5.85 -8.04
C ASN A 305 17.82 6.79 -7.26
N SER A 306 17.40 7.23 -6.08
CA SER A 306 18.19 8.13 -5.26
C SER A 306 19.10 7.38 -4.28
N ARG A 307 19.35 6.10 -4.51
CA ARG A 307 20.27 5.36 -3.64
C ARG A 307 21.44 4.86 -4.48
N TYR A 308 21.82 3.58 -4.35
CA TYR A 308 22.93 3.10 -5.14
C TYR A 308 22.57 2.93 -6.61
N ASN A 309 21.29 2.65 -6.92
CA ASN A 309 20.74 2.81 -8.29
C ASN A 309 21.51 1.98 -9.32
N ILE A 310 21.54 0.66 -9.10
CA ILE A 310 22.38 -0.23 -9.90
C ILE A 310 21.63 -0.96 -10.99
N LEU A 311 20.32 -0.70 -11.15
CA LEU A 311 19.54 -1.45 -12.14
C LEU A 311 20.14 -1.36 -13.53
N GLU A 312 20.56 -0.16 -13.93
CA GLU A 312 21.11 0.03 -15.27
C GLU A 312 22.33 -0.86 -15.47
N GLU A 313 23.29 -0.81 -14.54
CA GLU A 313 24.53 -1.56 -14.72
C GLU A 313 24.27 -3.06 -14.74
N VAL A 314 23.41 -3.55 -13.85
CA VAL A 314 23.09 -4.97 -13.86
C VAL A 314 22.37 -5.34 -15.15
N ALA A 315 21.43 -4.50 -15.58
CA ALA A 315 20.72 -4.78 -16.83
C ALA A 315 21.69 -4.87 -18.00
N LYS A 316 22.68 -3.97 -18.05
CA LYS A 316 23.69 -4.02 -19.11
C LYS A 316 24.46 -5.34 -19.11
N LYS A 317 24.92 -5.77 -17.92
CA LYS A 317 25.66 -7.03 -17.86
C LYS A 317 24.75 -8.22 -18.14
N MET A 318 23.44 -8.09 -17.86
CA MET A 318 22.50 -9.11 -18.30
C MET A 318 22.16 -8.99 -19.78
N ASN A 319 22.63 -7.95 -20.45
CA ASN A 319 22.38 -7.76 -21.88
C ASN A 319 20.88 -7.75 -22.18
N LEU A 320 20.16 -6.90 -21.45
CA LEU A 320 18.72 -6.78 -21.64
C LEU A 320 18.41 -5.68 -22.64
N ASP A 321 17.26 -5.80 -23.29
CA ASP A 321 16.72 -4.74 -24.13
C ASP A 321 16.29 -3.60 -23.21
N MET A 322 17.10 -2.54 -23.14
CA MET A 322 16.84 -1.42 -22.25
C MET A 322 16.23 -0.21 -22.96
N ARG A 323 15.72 -0.39 -24.18
CA ARG A 323 15.20 0.73 -24.95
C ARG A 323 13.75 1.06 -24.60
N LYS A 324 12.92 0.05 -24.34
CA LYS A 324 11.53 0.27 -23.99
C LYS A 324 11.23 -0.34 -22.63
N THR A 325 10.36 0.34 -21.87
CA THR A 325 9.99 -0.13 -20.54
C THR A 325 9.20 -1.44 -20.60
N SER A 326 8.46 -1.68 -21.68
CA SER A 326 7.61 -2.86 -21.76
C SER A 326 8.39 -4.16 -21.92
N SER A 327 9.72 -4.10 -22.09
CA SER A 327 10.51 -5.32 -21.95
C SER A 327 10.64 -5.77 -20.50
N LEU A 328 10.29 -4.91 -19.54
CA LEU A 328 10.40 -5.19 -18.11
C LEU A 328 11.85 -5.48 -17.72
N TRP A 329 12.78 -4.81 -18.39
CA TRP A 329 14.19 -5.00 -18.07
C TRP A 329 14.48 -4.62 -16.63
N LYS A 330 13.86 -3.56 -16.12
CA LYS A 330 14.05 -3.19 -14.72
C LYS A 330 13.57 -4.28 -13.79
N ASP A 331 12.36 -4.79 -14.03
CA ASP A 331 11.81 -5.85 -13.18
C ASP A 331 12.72 -7.08 -13.20
N GLN A 332 13.23 -7.44 -14.37
CA GLN A 332 14.06 -8.64 -14.50
C GLN A 332 15.35 -8.51 -13.70
N ALA A 333 16.07 -7.39 -13.86
CA ALA A 333 17.30 -7.17 -13.10
C ALA A 333 17.03 -7.09 -11.60
N LEU A 334 15.92 -6.47 -11.21
CA LEU A 334 15.59 -6.35 -9.80
C LEU A 334 15.49 -7.71 -9.12
N VAL A 335 14.88 -8.68 -9.78
CA VAL A 335 14.79 -10.03 -9.22
C VAL A 335 16.18 -10.62 -9.03
N GLU A 336 17.04 -10.49 -10.05
CA GLU A 336 18.37 -11.09 -9.97
C GLU A 336 19.19 -10.45 -8.86
N ILE A 337 19.02 -9.16 -8.64
CA ILE A 337 19.75 -8.49 -7.56
C ILE A 337 19.29 -9.03 -6.22
N ASN A 338 17.99 -9.29 -6.08
CA ASN A 338 17.51 -9.79 -4.79
C ASN A 338 17.84 -11.26 -4.60
N ILE A 339 17.92 -12.03 -5.69
CA ILE A 339 18.45 -13.40 -5.61
C ILE A 339 19.88 -13.38 -5.08
N ALA A 340 20.70 -12.47 -5.61
CA ALA A 340 22.11 -12.40 -5.19
C ALA A 340 22.23 -12.04 -3.71
N VAL A 341 21.42 -11.11 -3.23
CA VAL A 341 21.53 -10.67 -1.84
C VAL A 341 21.15 -11.79 -0.89
N LEU A 342 20.07 -12.51 -1.17
CA LEU A 342 19.70 -13.63 -0.31
C LEU A 342 20.75 -14.73 -0.38
N TYR A 343 21.22 -15.06 -1.59
CA TYR A 343 22.25 -16.08 -1.75
C TYR A 343 23.53 -15.70 -1.01
N SER A 344 23.91 -14.42 -1.06
CA SER A 344 25.18 -14.05 -0.44
C SER A 344 25.10 -14.11 1.09
N PHE A 345 23.98 -13.65 1.68
CA PHE A 345 23.85 -13.73 3.14
C PHE A 345 23.79 -15.18 3.61
N GLN A 346 23.01 -16.02 2.92
CA GLN A 346 22.90 -17.42 3.34
C GLN A 346 24.24 -18.14 3.22
N SER A 347 24.98 -17.87 2.13
CA SER A 347 26.28 -18.50 1.94
C SER A 347 27.24 -18.15 3.07
N ASP A 348 27.21 -16.92 3.55
CA ASP A 348 28.09 -16.50 4.64
C ASP A 348 27.49 -16.75 6.01
N LYS A 349 26.34 -17.42 6.06
CA LYS A 349 25.65 -17.76 7.31
C LYS A 349 25.35 -16.51 8.14
N VAL A 350 24.88 -15.46 7.46
CA VAL A 350 24.41 -14.26 8.11
C VAL A 350 22.89 -14.25 7.99
N THR A 351 22.21 -14.18 9.14
CA THR A 351 20.77 -14.26 9.20
C THR A 351 20.13 -13.25 8.25
N ILE A 352 19.20 -13.75 7.44
CA ILE A 352 18.40 -12.89 6.56
C ILE A 352 17.09 -13.62 6.33
N VAL A 353 16.04 -12.87 5.97
CA VAL A 353 14.76 -13.49 5.68
C VAL A 353 14.27 -12.96 4.34
N ASP A 354 13.78 -13.85 3.48
CA ASP A 354 13.22 -13.36 2.23
C ASP A 354 11.80 -12.83 2.45
N HIS A 355 11.30 -12.07 1.47
CA HIS A 355 10.01 -11.42 1.65
C HIS A 355 8.84 -12.40 1.63
N HIS A 356 8.99 -13.58 1.03
CA HIS A 356 7.93 -14.59 1.10
C HIS A 356 7.84 -15.19 2.50
N SER A 357 8.97 -15.58 3.08
CA SER A 357 8.94 -16.16 4.41
CA SER A 357 8.94 -16.16 4.42
C SER A 357 8.46 -15.15 5.45
N ALA A 358 8.92 -13.90 5.35
CA ALA A 358 8.60 -12.89 6.35
C ALA A 358 7.12 -12.56 6.35
N THR A 359 6.51 -12.43 5.18
CA THR A 359 5.10 -12.06 5.14
C THR A 359 4.22 -13.24 5.55
N GLU A 360 4.62 -14.46 5.19
CA GLU A 360 3.90 -15.63 5.67
C GLU A 360 3.96 -15.70 7.21
N SER A 361 5.13 -15.45 7.78
CA SER A 361 5.24 -15.42 9.24
C SER A 361 4.40 -14.29 9.83
N PHE A 362 4.32 -13.14 9.15
CA PHE A 362 3.55 -12.03 9.72
C PHE A 362 2.07 -12.36 9.77
N ILE A 363 1.54 -13.02 8.74
CA ILE A 363 0.13 -13.41 8.73
C ILE A 363 -0.16 -14.35 9.91
N LYS A 364 0.69 -15.34 10.13
CA LYS A 364 0.53 -16.23 11.29
C LYS A 364 0.58 -15.45 12.60
N HIS A 365 1.52 -14.51 12.72
CA HIS A 365 1.60 -13.63 13.89
C HIS A 365 0.34 -12.81 14.05
N MET A 366 -0.12 -12.19 12.95
CA MET A 366 -1.34 -11.38 12.99
C MET A 366 -2.54 -12.20 13.44
N GLU A 367 -2.69 -13.40 12.88
CA GLU A 367 -3.80 -14.26 13.29
C GLU A 367 -3.69 -14.62 14.77
N ASN A 368 -2.49 -14.96 15.23
CA ASN A 368 -2.31 -15.29 16.64
C ASN A 368 -2.64 -14.10 17.54
N GLU A 369 -2.20 -12.89 17.14
CA GLU A 369 -2.48 -11.70 17.93
C GLU A 369 -3.97 -11.40 17.97
N TYR A 370 -4.68 -11.62 16.85
CA TYR A 370 -6.11 -11.40 16.85
C TYR A 370 -6.80 -12.33 17.84
N ARG A 371 -6.35 -13.58 17.91
CA ARG A 371 -6.99 -14.54 18.80
C ARG A 371 -6.65 -14.25 20.27
N CYS A 372 -5.38 -14.01 20.58
CA CYS A 372 -4.90 -13.93 21.96
CA CYS A 372 -4.99 -13.94 21.97
C CYS A 372 -4.93 -12.52 22.53
N ARG A 373 -4.85 -11.49 21.67
CA ARG A 373 -4.79 -10.10 22.12
C ARG A 373 -5.99 -9.27 21.68
N GLY A 374 -6.77 -9.74 20.72
CA GLY A 374 -7.91 -9.00 20.22
C GLY A 374 -7.59 -8.09 19.04
N GLY A 375 -6.38 -8.16 18.51
CA GLY A 375 -6.07 -7.40 17.32
C GLY A 375 -4.57 -7.28 17.13
N CYS A 376 -4.21 -6.66 16.01
CA CYS A 376 -2.82 -6.40 15.69
C CYS A 376 -2.76 -5.20 14.74
N PRO A 377 -2.38 -4.03 15.22
CA PRO A 377 -2.32 -2.87 14.32
C PRO A 377 -1.29 -3.10 13.23
N ALA A 378 -1.68 -2.78 11.99
CA ALA A 378 -0.73 -3.02 10.91
C ALA A 378 -0.92 -1.97 9.83
N ASP A 379 0.19 -1.49 9.29
CA ASP A 379 0.21 -0.46 8.25
C ASP A 379 0.46 -1.17 6.91
N TRP A 380 -0.60 -1.39 6.13
CA TRP A 380 -0.48 -2.14 4.88
C TRP A 380 0.57 -1.54 3.95
N VAL A 381 0.58 -0.20 3.84
CA VAL A 381 1.50 0.49 2.94
C VAL A 381 2.96 0.12 3.24
N TRP A 382 3.28 -0.12 4.50
CA TRP A 382 4.65 -0.49 4.90
C TRP A 382 4.87 -1.99 4.97
N ILE A 383 3.82 -2.77 5.30
CA ILE A 383 3.97 -4.21 5.48
C ILE A 383 4.13 -4.94 4.15
N VAL A 384 3.41 -4.52 3.11
CA VAL A 384 3.58 -5.16 1.80
C VAL A 384 4.98 -4.85 1.26
N PRO A 385 5.73 -5.86 0.81
CA PRO A 385 7.10 -5.64 0.36
C PRO A 385 7.16 -4.82 -0.93
N PRO A 386 8.31 -4.19 -1.19
CA PRO A 386 8.43 -3.30 -2.35
C PRO A 386 8.62 -3.98 -3.70
N MET A 387 8.61 -5.32 -3.75
CA MET A 387 8.54 -6.04 -5.01
C MET A 387 7.60 -7.22 -4.83
N SER A 388 6.99 -7.64 -5.93
CA SER A 388 6.17 -8.86 -5.96
C SER A 388 5.00 -8.80 -4.98
N GLY A 389 4.47 -7.60 -4.74
CA GLY A 389 3.46 -7.41 -3.70
C GLY A 389 2.35 -8.44 -3.67
N SER A 390 1.64 -8.62 -4.80
CA SER A 390 0.47 -9.47 -4.72
C SER A 390 0.81 -10.95 -4.65
N ILE A 391 2.06 -11.37 -4.81
CA ILE A 391 2.29 -12.80 -4.68
C ILE A 391 2.71 -13.12 -3.24
N THR A 392 2.63 -12.12 -2.36
CA THR A 392 2.81 -12.37 -0.93
C THR A 392 1.45 -12.33 -0.24
N PRO A 393 1.27 -13.06 0.86
CA PRO A 393 -0.08 -13.13 1.47
C PRO A 393 -0.55 -11.82 2.07
N VAL A 394 0.34 -10.90 2.45
CA VAL A 394 -0.12 -9.68 3.11
C VAL A 394 -0.85 -8.73 2.15
N PHE A 395 -0.56 -8.84 0.85
CA PHE A 395 -1.24 -8.01 -0.14
C PHE A 395 -2.75 -8.19 -0.05
N HIS A 396 -3.19 -9.42 0.22
CA HIS A 396 -4.60 -9.76 0.21
C HIS A 396 -5.25 -9.61 1.57
N GLN A 397 -4.50 -9.17 2.57
CA GLN A 397 -4.95 -9.10 3.95
C GLN A 397 -5.40 -7.69 4.29
N GLU A 398 -6.67 -7.54 4.63
CA GLU A 398 -7.12 -6.26 5.17
C GLU A 398 -6.48 -6.05 6.54
N MET A 399 -6.08 -4.81 6.80
CA MET A 399 -5.39 -4.47 8.05
C MET A 399 -6.02 -3.23 8.65
N LEU A 400 -6.05 -3.18 9.97
CA LEU A 400 -6.46 -1.98 10.68
C LEU A 400 -5.23 -1.33 11.28
N ASN A 401 -5.10 -0.02 11.10
CA ASN A 401 -3.97 0.71 11.67
C ASN A 401 -4.42 1.63 12.79
N TYR A 402 -3.72 1.56 13.92
CA TYR A 402 -4.01 2.42 15.05
C TYR A 402 -2.78 2.42 15.95
N ARG A 403 -2.70 3.43 16.82
CA ARG A 403 -1.50 3.68 17.62
C ARG A 403 -1.74 3.28 19.07
N LEU A 404 -1.07 2.23 19.51
CA LEU A 404 -1.05 1.81 20.90
C LEU A 404 0.26 2.26 21.55
N THR A 405 0.22 2.40 22.86
CA THR A 405 1.42 2.70 23.63
CA THR A 405 1.39 2.71 23.67
C THR A 405 1.73 1.54 24.58
N PRO A 406 3.01 1.29 24.87
CA PRO A 406 4.28 1.90 24.48
C PRO A 406 4.54 1.93 22.98
N SER A 407 5.33 2.88 22.48
CA SER A 407 5.45 3.00 21.04
C SER A 407 6.81 3.57 20.69
N PHE A 408 7.27 3.26 19.47
CA PHE A 408 8.36 4.01 18.86
C PHE A 408 7.77 5.14 18.04
N GLU A 409 8.38 6.32 18.13
CA GLU A 409 7.92 7.50 17.43
C GLU A 409 9.09 8.11 16.67
N TYR A 410 8.76 8.90 15.66
CA TYR A 410 9.80 9.72 15.07
C TYR A 410 10.04 10.94 15.95
N GLN A 411 11.23 11.52 15.80
CA GLN A 411 11.60 12.74 16.47
C GLN A 411 12.40 13.59 15.50
N PRO A 412 12.53 14.89 15.76
CA PRO A 412 13.30 15.76 14.86
C PRO A 412 14.76 15.34 14.82
N ASP A 413 15.40 15.62 13.69
CA ASP A 413 16.84 15.43 13.57
C ASP A 413 17.57 16.33 14.56
N PRO A 414 18.56 15.81 15.29
CA PRO A 414 19.16 16.59 16.37
C PRO A 414 19.99 17.77 15.89
N TRP A 415 20.52 17.75 14.68
CA TRP A 415 21.24 18.93 14.22
C TRP A 415 20.31 20.10 14.01
N ASN A 416 19.00 19.86 13.86
CA ASN A 416 18.07 20.96 13.67
C ASN A 416 17.65 21.63 14.96
N THR A 417 17.78 20.94 16.09
CA THR A 417 17.34 21.48 17.37
C THR A 417 18.46 21.72 18.38
N HIS A 418 19.66 21.20 18.14
CA HIS A 418 20.70 21.26 19.15
C HIS A 418 21.22 22.68 19.33
N VAL A 419 21.41 23.07 20.59
CA VAL A 419 22.01 24.36 20.93
C VAL A 419 23.49 24.11 21.17
N TRP A 420 24.33 24.54 20.25
CA TRP A 420 25.76 24.27 20.37
C TRP A 420 26.35 25.03 21.56
N LYS A 421 27.12 24.33 22.36
CA LYS A 421 27.75 24.90 23.55
C LYS A 421 28.90 25.81 23.13
N ARG B 3 -7.98 23.19 6.10
CA ARG B 3 -6.59 23.62 6.03
C ARG B 3 -5.85 22.93 4.88
N PHE B 4 -4.90 23.65 4.28
CA PHE B 4 -4.13 23.13 3.16
C PHE B 4 -3.28 21.94 3.61
N LEU B 5 -3.27 20.87 2.82
CA LEU B 5 -2.49 19.68 3.15
C LEU B 5 -1.39 19.47 2.12
N LYS B 6 -0.20 19.10 2.59
CA LYS B 6 0.94 18.92 1.70
C LYS B 6 1.19 17.43 1.46
N VAL B 7 1.51 17.09 0.22
CA VAL B 7 1.91 15.73 -0.14
C VAL B 7 3.26 15.83 -0.82
N LYS B 8 4.16 14.94 -0.43
CA LYS B 8 5.54 14.99 -0.88
C LYS B 8 5.86 13.72 -1.64
N ASN B 9 6.62 13.86 -2.72
CA ASN B 9 7.26 12.74 -3.36
C ASN B 9 8.66 12.59 -2.75
N TRP B 10 8.97 11.41 -2.23
CA TRP B 10 10.23 11.21 -1.51
C TRP B 10 11.38 10.83 -2.43
N GLU B 11 11.13 10.69 -3.72
CA GLU B 11 12.19 10.48 -4.69
C GLU B 11 12.61 11.80 -5.35
N THR B 12 11.64 12.61 -5.76
CA THR B 12 11.90 13.88 -6.44
C THR B 12 11.85 15.09 -5.53
N GLU B 13 11.35 14.94 -4.29
CA GLU B 13 11.18 16.01 -3.31
C GLU B 13 10.11 17.03 -3.71
N VAL B 14 9.33 16.76 -4.75
CA VAL B 14 8.24 17.66 -5.12
C VAL B 14 7.17 17.65 -4.03
N VAL B 15 6.71 18.84 -3.65
CA VAL B 15 5.61 19.01 -2.71
C VAL B 15 4.43 19.64 -3.45
N LEU B 16 3.25 19.03 -3.33
CA LEU B 16 2.01 19.58 -3.86
C LEU B 16 1.08 19.94 -2.70
N THR B 17 0.21 20.93 -2.92
CA THR B 17 -0.65 21.45 -1.85
C THR B 17 -2.10 21.16 -2.19
N ASP B 18 -2.77 20.38 -1.35
CA ASP B 18 -4.12 19.94 -1.64
C ASP B 18 -5.12 20.88 -0.99
N THR B 19 -5.95 21.53 -1.81
CA THR B 19 -7.12 22.25 -1.35
C THR B 19 -8.42 21.57 -1.70
N LEU B 20 -8.38 20.62 -2.65
CA LEU B 20 -9.61 20.06 -3.19
C LEU B 20 -10.34 19.20 -2.16
N HIS B 21 -9.61 18.64 -1.21
CA HIS B 21 -10.23 17.81 -0.18
C HIS B 21 -11.25 18.58 0.64
N LEU B 22 -11.15 19.91 0.68
CA LEU B 22 -12.14 20.72 1.40
C LEU B 22 -13.53 20.56 0.83
N LYS B 23 -13.65 20.22 -0.45
CA LYS B 23 -14.97 20.09 -1.06
C LYS B 23 -15.64 18.75 -0.82
N SER B 24 -14.99 17.81 -0.12
CA SER B 24 -15.62 16.52 0.06
C SER B 24 -16.47 16.52 1.33
N THR B 25 -17.57 15.77 1.28
CA THR B 25 -18.46 15.62 2.42
C THR B 25 -18.83 14.17 2.72
N LEU B 26 -18.54 13.23 1.81
CA LEU B 26 -18.74 11.82 2.09
C LEU B 26 -17.58 11.26 2.89
N GLU B 27 -17.86 10.21 3.67
CA GLU B 27 -16.91 9.66 4.61
C GLU B 27 -16.00 8.63 3.94
N THR B 28 -14.80 8.47 4.53
CA THR B 28 -13.81 7.51 4.04
C THR B 28 -13.81 6.19 4.81
N GLY B 29 -14.32 6.17 6.03
CA GLY B 29 -14.23 5.02 6.88
C GLY B 29 -13.21 5.13 7.99
N CYS B 30 -12.21 6.01 7.83
CA CYS B 30 -11.23 6.26 8.85
C CYS B 30 -11.81 7.18 9.92
N THR B 31 -11.17 7.19 11.08
CA THR B 31 -11.37 8.18 12.12
C THR B 31 -10.01 8.73 12.53
N GLU B 32 -10.01 9.68 13.46
CA GLU B 32 -8.75 10.18 14.00
C GLU B 32 -7.96 9.08 14.69
N TYR B 33 -8.62 7.97 15.05
CA TYR B 33 -7.99 6.93 15.85
C TYR B 33 -7.77 5.62 15.11
N ILE B 34 -8.46 5.37 13.99
CA ILE B 34 -8.30 4.12 13.26
C ILE B 34 -8.28 4.43 11.78
N CYS B 35 -7.24 3.94 11.09
CA CYS B 35 -7.18 4.05 9.64
C CYS B 35 -7.70 2.77 9.02
N MET B 36 -8.59 2.91 8.03
CA MET B 36 -9.15 1.77 7.32
C MET B 36 -8.74 1.78 5.85
N GLY B 37 -7.57 2.35 5.57
CA GLY B 37 -7.10 2.51 4.21
C GLY B 37 -6.86 1.22 3.44
N SER B 38 -6.74 0.08 4.11
CA SER B 38 -6.55 -1.17 3.38
C SER B 38 -7.80 -2.03 3.35
N ILE B 39 -8.93 -1.51 3.84
CA ILE B 39 -10.19 -2.25 3.80
C ILE B 39 -10.79 -2.10 2.41
N MET B 40 -11.23 -3.21 1.82
CA MET B 40 -11.67 -3.09 0.43
C MET B 40 -13.00 -2.37 0.32
N HIS B 41 -13.91 -2.60 1.26
CA HIS B 41 -15.23 -1.95 1.25
C HIS B 41 -15.57 -1.52 2.67
N PRO B 42 -15.17 -0.32 3.09
CA PRO B 42 -15.57 0.14 4.43
C PRO B 42 -17.06 0.48 4.44
N SER B 43 -17.75 0.01 5.48
CA SER B 43 -19.21 0.13 5.53
C SER B 43 -19.69 1.57 5.56
N VAL B 52 -32.66 3.67 -1.42
CA VAL B 52 -33.45 4.60 -2.23
C VAL B 52 -33.59 5.95 -1.53
N ALA B 53 -33.46 7.03 -2.30
CA ALA B 53 -33.44 8.38 -1.79
C ALA B 53 -34.82 9.01 -1.85
N THR B 54 -35.10 9.87 -0.87
CA THR B 54 -36.35 10.62 -0.81
C THR B 54 -36.16 12.00 -1.45
N LYS B 55 -37.30 12.67 -1.69
CA LYS B 55 -37.25 14.05 -2.17
C LYS B 55 -36.39 14.92 -1.27
N ASP B 56 -36.47 14.70 0.04
CA ASP B 56 -35.81 15.56 1.00
C ASP B 56 -34.28 15.49 0.87
N GLN B 57 -33.75 14.27 0.73
CA GLN B 57 -32.33 14.12 0.50
C GLN B 57 -31.94 14.52 -0.92
N LEU B 58 -32.88 14.49 -1.87
CA LEU B 58 -32.48 14.55 -3.27
C LEU B 58 -32.18 15.97 -3.74
N PHE B 59 -32.92 16.97 -3.26
CA PHE B 59 -32.70 18.28 -3.86
C PHE B 59 -31.35 18.89 -3.50
N PRO B 60 -30.86 18.79 -2.24
CA PRO B 60 -29.50 19.30 -1.97
C PRO B 60 -28.45 18.59 -2.81
N LEU B 61 -28.61 17.29 -3.04
CA LEU B 61 -27.64 16.58 -3.86
C LEU B 61 -27.70 17.03 -5.31
N ALA B 62 -28.91 17.28 -5.83
CA ALA B 62 -29.06 17.78 -7.18
C ALA B 62 -28.48 19.18 -7.31
N LYS B 63 -28.84 20.06 -6.36
CA LYS B 63 -28.35 21.44 -6.39
C LYS B 63 -26.83 21.48 -6.33
N GLU B 64 -26.22 20.65 -5.48
CA GLU B 64 -24.77 20.61 -5.41
C GLU B 64 -24.17 20.22 -6.76
N PHE B 65 -24.78 19.27 -7.46
CA PHE B 65 -24.22 18.85 -8.74
C PHE B 65 -24.48 19.87 -9.84
N ILE B 66 -25.68 20.46 -9.88
CA ILE B 66 -25.94 21.51 -10.87
C ILE B 66 -24.98 22.68 -10.67
N ASP B 67 -24.70 23.01 -9.41
CA ASP B 67 -23.80 24.12 -9.11
C ASP B 67 -22.39 23.87 -9.65
N GLN B 68 -21.85 22.67 -9.42
CA GLN B 68 -20.51 22.42 -9.91
C GLN B 68 -20.46 22.26 -11.43
N TYR B 69 -21.56 21.80 -12.04
CA TYR B 69 -21.60 21.74 -13.50
C TYR B 69 -21.52 23.15 -14.09
N TYR B 70 -22.41 24.05 -13.64
CA TYR B 70 -22.39 25.41 -14.16
C TYR B 70 -21.13 26.16 -13.74
N SER B 71 -20.54 25.78 -12.61
CA SER B 71 -19.23 26.33 -12.27
C SER B 71 -18.18 25.87 -13.29
N SER B 72 -18.29 24.62 -13.75
CA SER B 72 -17.29 24.08 -14.67
C SER B 72 -17.36 24.75 -16.04
N ILE B 73 -18.56 25.12 -16.50
CA ILE B 73 -18.71 25.79 -17.78
C ILE B 73 -18.68 27.31 -17.63
N LYS B 74 -18.25 27.81 -16.46
CA LYS B 74 -18.03 29.25 -16.23
C LYS B 74 -19.31 30.07 -16.40
N ARG B 75 -20.45 29.52 -15.95
CA ARG B 75 -21.72 30.23 -16.00
C ARG B 75 -22.44 30.06 -14.67
N PHE B 76 -21.68 30.02 -13.57
CA PHE B 76 -22.29 29.95 -12.25
C PHE B 76 -23.15 31.17 -11.99
N GLY B 77 -24.37 30.95 -11.51
CA GLY B 77 -25.29 32.04 -11.25
C GLY B 77 -25.95 32.61 -12.48
N SER B 78 -25.72 32.02 -13.65
CA SER B 78 -26.30 32.56 -14.88
C SER B 78 -27.81 32.33 -14.92
N LYS B 79 -28.45 32.97 -15.90
CA LYS B 79 -29.86 32.70 -16.15
C LYS B 79 -30.09 31.21 -16.42
N ALA B 80 -29.20 30.60 -17.20
CA ALA B 80 -29.32 29.16 -17.46
C ALA B 80 -29.22 28.36 -16.16
N HIS B 81 -28.24 28.70 -15.32
CA HIS B 81 -28.07 28.02 -14.05
C HIS B 81 -29.29 28.17 -13.16
N MET B 82 -29.72 29.41 -12.91
CA MET B 82 -30.88 29.65 -12.07
C MET B 82 -32.10 28.90 -12.59
N GLU B 83 -32.32 28.92 -13.89
CA GLU B 83 -33.49 28.25 -14.47
C GLU B 83 -33.40 26.75 -14.32
N ARG B 84 -32.20 26.18 -14.45
CA ARG B 84 -32.04 24.74 -14.30
C ARG B 84 -32.36 24.30 -12.87
N LEU B 85 -31.90 25.07 -11.88
CA LEU B 85 -32.21 24.78 -10.48
C LEU B 85 -33.72 24.76 -10.26
N GLU B 86 -34.43 25.76 -10.79
CA GLU B 86 -35.87 25.80 -10.64
C GLU B 86 -36.53 24.62 -11.34
N GLU B 87 -36.10 24.32 -12.56
CA GLU B 87 -36.66 23.17 -13.29
C GLU B 87 -36.47 21.88 -12.49
N VAL B 88 -35.30 21.70 -11.87
CA VAL B 88 -35.04 20.49 -11.11
C VAL B 88 -35.88 20.44 -9.84
N ASN B 89 -36.06 21.60 -9.19
CA ASN B 89 -36.86 21.66 -7.97
C ASN B 89 -38.30 21.22 -8.24
N LYS B 90 -38.91 21.78 -9.29
CA LYS B 90 -40.27 21.39 -9.67
C LYS B 90 -40.37 19.89 -9.95
N GLU B 91 -39.36 19.34 -10.63
CA GLU B 91 -39.46 17.94 -11.05
C GLU B 91 -39.40 17.00 -9.87
N ILE B 92 -38.52 17.29 -8.89
CA ILE B 92 -38.45 16.48 -7.68
C ILE B 92 -39.78 16.56 -6.91
N ASP B 93 -40.41 17.73 -6.93
CA ASP B 93 -41.70 17.90 -6.26
C ASP B 93 -42.76 16.96 -6.84
N THR B 94 -42.93 16.97 -8.16
CA THR B 94 -44.04 16.31 -8.81
C THR B 94 -43.77 14.86 -9.20
N THR B 95 -42.51 14.41 -9.16
CA THR B 95 -42.18 13.04 -9.56
C THR B 95 -41.29 12.30 -8.58
N SER B 96 -40.80 12.94 -7.52
CA SER B 96 -39.86 12.40 -6.55
C SER B 96 -38.49 12.10 -7.15
N THR B 97 -38.24 12.51 -8.38
CA THR B 97 -36.91 12.34 -8.98
C THR B 97 -36.72 13.45 -10.01
N TYR B 98 -35.63 13.37 -10.77
CA TYR B 98 -35.46 14.24 -11.92
C TYR B 98 -34.58 13.53 -12.94
N GLN B 99 -34.52 14.12 -14.14
CA GLN B 99 -33.75 13.57 -15.24
C GLN B 99 -32.62 14.53 -15.60
N LEU B 100 -31.44 13.97 -15.84
CA LEU B 100 -30.30 14.77 -16.25
C LEU B 100 -30.42 15.16 -17.71
N LYS B 101 -30.00 16.38 -18.03
CA LYS B 101 -29.74 16.75 -19.41
C LYS B 101 -28.56 15.95 -19.96
N ASP B 102 -28.54 15.79 -21.29
CA ASP B 102 -27.45 15.07 -21.95
C ASP B 102 -26.09 15.61 -21.55
N THR B 103 -25.92 16.94 -21.56
CA THR B 103 -24.63 17.51 -21.20
C THR B 103 -24.27 17.20 -19.75
N GLU B 104 -25.27 17.18 -18.87
CA GLU B 104 -25.03 16.83 -17.47
C GLU B 104 -24.61 15.38 -17.33
N LEU B 105 -25.25 14.49 -18.10
CA LEU B 105 -24.91 13.07 -18.01
C LEU B 105 -23.45 12.84 -18.40
N ILE B 106 -22.99 13.52 -19.44
CA ILE B 106 -21.63 13.35 -19.94
C ILE B 106 -20.63 13.93 -18.93
N TYR B 107 -20.90 15.13 -18.45
CA TYR B 107 -20.06 15.74 -17.42
C TYR B 107 -19.98 14.85 -16.19
N GLY B 108 -21.11 14.27 -15.80
CA GLY B 108 -21.13 13.46 -14.59
C GLY B 108 -20.37 12.15 -14.73
N ALA B 109 -20.48 11.51 -15.90
CA ALA B 109 -19.75 10.25 -16.08
C ALA B 109 -18.24 10.51 -16.15
N LYS B 110 -17.83 11.56 -16.87
CA LYS B 110 -16.41 11.87 -16.90
C LYS B 110 -15.89 12.23 -15.52
N HIS B 111 -16.68 12.92 -14.72
CA HIS B 111 -16.15 13.33 -13.42
C HIS B 111 -16.19 12.18 -12.42
N ALA B 112 -17.10 11.23 -12.58
CA ALA B 112 -17.03 10.01 -11.77
C ALA B 112 -15.73 9.27 -12.01
N TRP B 113 -15.28 9.22 -13.27
CA TRP B 113 -13.98 8.62 -13.56
C TRP B 113 -12.86 9.46 -12.96
N ARG B 114 -12.89 10.78 -13.20
CA ARG B 114 -11.85 11.68 -12.70
C ARG B 114 -11.72 11.57 -11.19
N ASN B 115 -12.81 11.29 -10.49
CA ASN B 115 -12.81 11.22 -9.03
C ASN B 115 -12.51 9.83 -8.49
N ALA B 116 -12.30 8.84 -9.35
CA ALA B 116 -12.10 7.45 -8.89
C ALA B 116 -10.70 7.32 -8.31
N SER B 117 -10.60 7.40 -6.98
CA SER B 117 -9.28 7.47 -6.38
CA SER B 117 -9.31 7.43 -6.29
C SER B 117 -8.46 6.21 -6.57
N ARG B 118 -9.09 5.09 -6.92
CA ARG B 118 -8.36 3.84 -7.09
C ARG B 118 -7.86 3.61 -8.51
N CYS B 119 -8.10 4.53 -9.43
CA CYS B 119 -7.81 4.28 -10.84
C CYS B 119 -6.52 4.99 -11.24
N VAL B 120 -5.53 4.20 -11.67
CA VAL B 120 -4.28 4.77 -12.18
C VAL B 120 -4.41 5.28 -13.60
N GLY B 121 -5.53 4.99 -14.28
CA GLY B 121 -5.66 5.42 -15.67
C GLY B 121 -6.27 6.80 -15.89
N ARG B 122 -6.40 7.63 -14.86
CA ARG B 122 -7.27 8.80 -14.96
C ARG B 122 -6.72 9.94 -15.80
N ILE B 123 -5.47 9.87 -16.28
CA ILE B 123 -4.99 10.92 -17.17
C ILE B 123 -5.87 11.04 -18.42
N GLN B 124 -6.61 9.98 -18.75
CA GLN B 124 -7.47 9.93 -19.92
C GLN B 124 -8.90 10.37 -19.64
N TRP B 125 -9.19 10.84 -18.41
CA TRP B 125 -10.58 10.90 -17.94
C TRP B 125 -11.49 11.69 -18.88
N SER B 126 -11.01 12.80 -19.44
CA SER B 126 -11.89 13.64 -20.24
C SER B 126 -12.12 13.08 -21.65
N LYS B 127 -11.38 12.04 -22.02
CA LYS B 127 -11.55 11.34 -23.29
C LYS B 127 -12.32 10.06 -22.96
N LEU B 128 -13.64 10.21 -22.85
CA LEU B 128 -14.54 9.10 -22.53
C LEU B 128 -15.77 9.25 -23.41
N GLN B 129 -16.10 8.22 -24.17
CA GLN B 129 -17.29 8.25 -25.01
C GLN B 129 -18.48 7.78 -24.17
N VAL B 130 -19.51 8.60 -24.09
CA VAL B 130 -20.64 8.32 -23.21
C VAL B 130 -21.85 7.95 -24.07
N PHE B 131 -22.39 6.75 -23.85
CA PHE B 131 -23.54 6.26 -24.59
C PHE B 131 -24.75 6.33 -23.67
N ASP B 132 -25.73 7.15 -24.05
CA ASP B 132 -26.95 7.35 -23.28
C ASP B 132 -27.95 6.25 -23.62
N ALA B 133 -28.18 5.34 -22.68
CA ALA B 133 -29.12 4.24 -22.85
C ALA B 133 -30.30 4.38 -21.91
N ARG B 134 -30.64 5.60 -21.51
CA ARG B 134 -31.72 5.74 -20.53
C ARG B 134 -33.10 5.48 -21.13
N ASP B 135 -33.20 5.23 -22.43
CA ASP B 135 -34.51 4.91 -23.00
C ASP B 135 -34.76 3.42 -23.05
N CYS B 136 -33.80 2.61 -22.61
CA CYS B 136 -33.93 1.17 -22.64
C CYS B 136 -35.04 0.71 -21.71
N THR B 137 -35.77 -0.34 -22.13
CA THR B 137 -36.82 -0.92 -21.29
C THR B 137 -36.69 -2.42 -21.09
N THR B 138 -35.94 -3.14 -21.92
CA THR B 138 -35.92 -4.60 -21.85
C THR B 138 -34.49 -5.11 -21.89
N ALA B 139 -34.33 -6.38 -21.53
CA ALA B 139 -33.01 -7.00 -21.60
C ALA B 139 -32.53 -7.11 -23.05
N HIS B 140 -33.45 -7.27 -24.01
CA HIS B 140 -33.02 -7.26 -25.41
C HIS B 140 -32.42 -5.92 -25.81
N GLY B 141 -33.02 -4.83 -25.33
CA GLY B 141 -32.43 -3.52 -25.58
C GLY B 141 -31.09 -3.36 -24.90
N MET B 142 -30.96 -3.86 -23.66
CA MET B 142 -29.67 -3.79 -22.98
C MET B 142 -28.61 -4.53 -23.78
N PHE B 143 -28.98 -5.72 -24.30
CA PHE B 143 -28.07 -6.51 -25.13
C PHE B 143 -27.60 -5.70 -26.34
N ASN B 144 -28.55 -5.12 -27.09
CA ASN B 144 -28.19 -4.26 -28.23
C ASN B 144 -27.18 -3.18 -27.81
N TYR B 145 -27.50 -2.42 -26.76
CA TYR B 145 -26.63 -1.34 -26.32
C TYR B 145 -25.24 -1.86 -25.94
N ILE B 146 -25.18 -3.02 -25.29
CA ILE B 146 -23.90 -3.55 -24.85
C ILE B 146 -23.07 -4.01 -26.04
N CYS B 147 -23.74 -4.62 -27.05
CA CYS B 147 -23.00 -5.01 -28.25
C CYS B 147 -22.42 -3.80 -28.95
N ASN B 148 -23.19 -2.71 -29.02
CA ASN B 148 -22.67 -1.51 -29.68
C ASN B 148 -21.49 -0.94 -28.90
N HIS B 149 -21.58 -0.96 -27.57
CA HIS B 149 -20.46 -0.53 -26.73
C HIS B 149 -19.21 -1.36 -26.99
N VAL B 150 -19.35 -2.69 -26.94
CA VAL B 150 -18.19 -3.57 -27.13
C VAL B 150 -17.55 -3.32 -28.49
N LYS B 151 -18.37 -3.26 -29.55
CA LYS B 151 -17.84 -3.00 -30.87
C LYS B 151 -17.12 -1.65 -30.91
N TYR B 152 -17.74 -0.63 -30.34
CA TYR B 152 -17.14 0.70 -30.42
C TYR B 152 -15.83 0.74 -29.64
N ALA B 153 -15.87 0.20 -28.42
CA ALA B 153 -14.71 0.29 -27.53
C ALA B 153 -13.54 -0.54 -28.05
N THR B 154 -13.83 -1.68 -28.69
CA THR B 154 -12.77 -2.56 -29.15
C THR B 154 -12.07 -1.98 -30.37
N ASN B 155 -12.83 -1.57 -31.40
CA ASN B 155 -12.30 -0.79 -32.51
C ASN B 155 -11.11 -1.50 -33.16
N LYS B 156 -11.25 -2.81 -33.31
CA LYS B 156 -10.27 -3.65 -34.01
C LYS B 156 -8.92 -3.68 -33.31
N GLY B 157 -8.91 -3.38 -32.01
CA GLY B 157 -7.70 -3.43 -31.22
C GLY B 157 -7.19 -2.07 -30.80
N ASN B 158 -7.65 -1.00 -31.44
CA ASN B 158 -7.32 0.36 -31.05
C ASN B 158 -8.35 0.85 -30.05
N LEU B 159 -8.21 0.39 -28.80
CA LEU B 159 -9.30 0.51 -27.84
C LEU B 159 -9.61 1.95 -27.50
N ARG B 160 -10.88 2.21 -27.23
CA ARG B 160 -11.41 3.53 -26.93
C ARG B 160 -12.22 3.45 -25.65
N SER B 161 -11.98 4.37 -24.72
CA SER B 161 -12.69 4.35 -23.46
C SER B 161 -14.16 4.68 -23.67
N ALA B 162 -15.05 3.96 -22.98
CA ALA B 162 -16.48 4.22 -23.17
C ALA B 162 -17.26 3.80 -21.93
N ILE B 163 -18.47 4.36 -21.82
CA ILE B 163 -19.43 3.96 -20.80
C ILE B 163 -20.83 4.00 -21.42
N THR B 164 -21.66 3.03 -21.06
CA THR B 164 -23.06 2.99 -21.47
C THR B 164 -23.94 3.08 -20.23
N ILE B 165 -24.90 4.00 -20.23
CA ILE B 165 -25.65 4.33 -19.01
C ILE B 165 -27.12 4.01 -19.20
N PHE B 166 -27.61 3.05 -18.41
CA PHE B 166 -28.98 2.55 -18.45
C PHE B 166 -29.86 3.34 -17.47
N PRO B 167 -31.18 3.13 -17.48
CA PRO B 167 -32.07 3.96 -16.65
C PRO B 167 -31.70 3.94 -15.17
N GLN B 168 -31.94 5.07 -14.52
CA GLN B 168 -31.59 5.24 -13.13
C GLN B 168 -32.54 4.48 -12.23
N ARG B 169 -32.10 4.23 -11.01
CA ARG B 169 -32.97 3.57 -10.05
C ARG B 169 -34.19 4.43 -9.75
N THR B 170 -35.35 3.79 -9.61
CA THR B 170 -36.57 4.51 -9.26
C THR B 170 -36.99 4.19 -7.84
N ASP B 171 -37.64 3.04 -7.64
CA ASP B 171 -38.09 2.60 -6.33
C ASP B 171 -37.23 1.49 -5.74
N GLY B 172 -36.21 1.04 -6.47
CA GLY B 172 -35.43 -0.12 -6.06
C GLY B 172 -36.02 -1.45 -6.44
N LYS B 173 -37.28 -1.50 -6.88
CA LYS B 173 -37.89 -2.72 -7.36
C LYS B 173 -37.76 -2.91 -8.87
N HIS B 174 -37.24 -1.91 -9.59
CA HIS B 174 -37.20 -1.95 -11.04
C HIS B 174 -35.80 -1.67 -11.55
N ASP B 175 -34.79 -2.15 -10.84
CA ASP B 175 -33.40 -1.87 -11.17
C ASP B 175 -33.00 -2.52 -12.49
N PHE B 176 -32.21 -1.77 -13.25
CA PHE B 176 -31.44 -2.33 -14.35
C PHE B 176 -30.11 -2.81 -13.80
N ARG B 177 -29.70 -4.01 -14.19
CA ARG B 177 -28.46 -4.57 -13.70
C ARG B 177 -27.84 -5.43 -14.78
N VAL B 178 -26.52 -5.32 -14.94
CA VAL B 178 -25.74 -6.33 -15.62
C VAL B 178 -25.26 -7.29 -14.53
N TRP B 179 -25.73 -8.55 -14.57
CA TRP B 179 -25.32 -9.49 -13.52
C TRP B 179 -23.85 -9.88 -13.63
N ASN B 180 -23.29 -9.86 -14.84
CA ASN B 180 -21.86 -10.11 -15.00
C ASN B 180 -21.06 -9.05 -14.26
N SER B 181 -19.92 -9.45 -13.68
CA SER B 181 -19.07 -8.46 -13.02
C SER B 181 -18.27 -7.68 -14.04
N GLN B 182 -17.86 -8.31 -15.14
CA GLN B 182 -17.34 -7.61 -16.31
C GLN B 182 -18.01 -8.16 -17.57
N LEU B 183 -18.08 -7.33 -18.62
CA LEU B 183 -18.81 -7.73 -19.83
C LEU B 183 -18.22 -8.99 -20.44
N ILE B 184 -16.90 -9.11 -20.44
CA ILE B 184 -16.21 -10.25 -21.02
C ILE B 184 -15.41 -10.90 -19.88
N ARG B 185 -15.69 -12.17 -19.61
CA ARG B 185 -14.98 -12.94 -18.59
C ARG B 185 -15.04 -14.41 -18.95
N TYR B 186 -14.12 -15.18 -18.38
CA TYR B 186 -14.05 -16.60 -18.64
C TYR B 186 -14.74 -17.39 -17.54
N ALA B 187 -15.36 -18.50 -17.94
CA ALA B 187 -16.11 -19.33 -17.01
C ALA B 187 -15.17 -20.08 -16.07
N GLY B 188 -15.73 -20.51 -14.94
CA GLY B 188 -15.02 -21.37 -14.02
C GLY B 188 -15.88 -22.52 -13.55
N TYR B 189 -15.33 -23.74 -13.51
CA TYR B 189 -16.08 -24.95 -13.24
C TYR B 189 -15.45 -25.71 -12.08
N LYS B 190 -16.27 -26.00 -11.06
CA LYS B 190 -15.82 -26.86 -9.96
C LYS B 190 -15.81 -28.31 -10.44
N GLN B 191 -14.68 -28.98 -10.24
CA GLN B 191 -14.46 -30.32 -10.77
C GLN B 191 -14.81 -31.38 -9.75
N PRO B 192 -15.24 -32.56 -10.24
CA PRO B 192 -15.52 -33.67 -9.31
C PRO B 192 -14.38 -33.93 -8.34
N ASP B 193 -13.15 -34.02 -8.84
CA ASP B 193 -12.01 -34.25 -7.93
C ASP B 193 -11.67 -33.03 -7.07
N GLY B 194 -12.47 -31.96 -7.05
CA GLY B 194 -12.31 -30.86 -6.15
C GLY B 194 -11.67 -29.62 -6.75
N SER B 195 -10.82 -29.79 -7.76
CA SER B 195 -10.10 -28.66 -8.35
C SER B 195 -11.07 -27.80 -9.16
N THR B 196 -10.52 -26.79 -9.84
CA THR B 196 -11.32 -25.85 -10.62
C THR B 196 -10.75 -25.73 -12.02
N LEU B 197 -11.62 -25.87 -13.01
CA LEU B 197 -11.27 -25.61 -14.40
C LEU B 197 -11.67 -24.19 -14.76
N GLY B 198 -10.80 -23.49 -15.48
CA GLY B 198 -11.08 -22.13 -15.91
C GLY B 198 -10.79 -21.12 -14.82
N ASP B 199 -11.58 -20.04 -14.78
CA ASP B 199 -11.35 -18.94 -13.85
C ASP B 199 -12.03 -19.23 -12.52
N PRO B 200 -11.30 -19.49 -11.44
CA PRO B 200 -11.97 -19.81 -10.17
C PRO B 200 -12.80 -18.67 -9.62
N ALA B 201 -12.50 -17.43 -10.01
CA ALA B 201 -13.25 -16.28 -9.49
C ALA B 201 -14.70 -16.27 -9.95
N ASN B 202 -15.04 -17.02 -10.99
CA ASN B 202 -16.35 -16.93 -11.59
C ASN B 202 -17.18 -18.18 -11.43
N VAL B 203 -16.79 -19.10 -10.52
CA VAL B 203 -17.49 -20.36 -10.37
C VAL B 203 -18.96 -20.12 -10.05
N GLN B 204 -19.24 -19.21 -9.11
CA GLN B 204 -20.63 -18.98 -8.73
C GLN B 204 -21.44 -18.42 -9.89
N PHE B 205 -20.92 -17.39 -10.56
CA PHE B 205 -21.65 -16.81 -11.68
C PHE B 205 -21.85 -17.82 -12.80
N THR B 206 -20.81 -18.62 -13.09
CA THR B 206 -20.95 -19.68 -14.07
C THR B 206 -22.09 -20.63 -13.71
N GLU B 207 -22.22 -20.97 -12.43
CA GLU B 207 -23.27 -21.91 -12.02
C GLU B 207 -24.66 -21.30 -12.22
N ILE B 208 -24.80 -19.99 -12.00
CA ILE B 208 -26.09 -19.34 -12.23
C ILE B 208 -26.47 -19.39 -13.71
N CYS B 209 -25.51 -19.16 -14.60
CA CYS B 209 -25.77 -19.25 -16.02
C CYS B 209 -26.16 -20.67 -16.42
N ILE B 210 -25.46 -21.67 -15.87
CA ILE B 210 -25.84 -23.06 -16.15
C ILE B 210 -27.24 -23.32 -15.64
N GLN B 211 -27.55 -22.85 -14.44
CA GLN B 211 -28.88 -23.04 -13.87
C GLN B 211 -29.95 -22.41 -14.75
N GLN B 212 -29.64 -21.31 -15.43
CA GLN B 212 -30.58 -20.60 -16.28
C GLN B 212 -30.60 -21.11 -17.71
N GLY B 213 -29.87 -22.18 -18.01
CA GLY B 213 -29.97 -22.83 -19.30
C GLY B 213 -28.74 -22.73 -20.18
N TRP B 214 -27.72 -22.00 -19.77
CA TRP B 214 -26.49 -21.91 -20.56
C TRP B 214 -25.85 -23.29 -20.69
N LYS B 215 -25.51 -23.65 -21.92
CA LYS B 215 -24.84 -24.91 -22.19
C LYS B 215 -23.34 -24.66 -22.15
N PRO B 216 -22.62 -25.16 -21.16
CA PRO B 216 -21.19 -24.83 -21.04
C PRO B 216 -20.34 -25.73 -21.90
N PRO B 217 -19.42 -25.15 -22.68
CA PRO B 217 -18.43 -25.99 -23.38
C PRO B 217 -17.47 -26.70 -22.44
N ARG B 218 -17.35 -26.25 -21.19
CA ARG B 218 -16.46 -26.83 -20.19
C ARG B 218 -15.02 -26.87 -20.68
N GLY B 219 -14.51 -25.69 -21.05
CA GLY B 219 -13.12 -25.48 -21.35
C GLY B 219 -12.47 -24.53 -20.37
N ARG B 220 -11.22 -24.18 -20.66
CA ARG B 220 -10.46 -23.34 -19.75
C ARG B 220 -10.69 -21.85 -20.00
N PHE B 221 -11.15 -21.46 -21.21
CA PHE B 221 -11.37 -20.06 -21.57
C PHE B 221 -12.67 -19.94 -22.37
N ASP B 222 -13.79 -20.26 -21.71
CA ASP B 222 -15.12 -20.10 -22.29
C ASP B 222 -15.65 -18.71 -21.95
N VAL B 223 -15.93 -17.90 -22.97
CA VAL B 223 -16.50 -16.58 -22.71
C VAL B 223 -17.91 -16.75 -22.14
N LEU B 224 -18.16 -16.13 -20.99
CA LEU B 224 -19.47 -16.29 -20.38
C LEU B 224 -20.54 -15.54 -21.17
N PRO B 225 -21.79 -15.97 -21.09
CA PRO B 225 -22.89 -15.19 -21.70
C PRO B 225 -23.18 -13.95 -20.85
N LEU B 226 -23.90 -13.01 -21.45
CA LEU B 226 -24.43 -11.90 -20.68
C LEU B 226 -25.73 -12.31 -20.00
N LEU B 227 -25.89 -11.88 -18.75
CA LEU B 227 -27.10 -12.09 -17.94
C LEU B 227 -27.63 -10.70 -17.60
N LEU B 228 -28.72 -10.32 -18.22
CA LEU B 228 -29.16 -8.93 -18.24
C LEU B 228 -30.52 -8.79 -17.57
N GLN B 229 -30.61 -7.85 -16.64
CA GLN B 229 -31.82 -7.59 -15.88
C GLN B 229 -32.29 -6.18 -16.18
N ALA B 230 -33.51 -6.06 -16.69
CA ALA B 230 -34.09 -4.76 -17.04
C ALA B 230 -35.35 -4.54 -16.23
N ASN B 231 -35.46 -3.34 -15.62
CA ASN B 231 -36.68 -2.92 -14.93
C ASN B 231 -37.09 -3.87 -13.81
N GLY B 232 -36.11 -4.51 -13.16
CA GLY B 232 -36.37 -5.40 -12.05
C GLY B 232 -36.85 -6.79 -12.40
N ASN B 233 -37.01 -7.09 -13.70
CA ASN B 233 -37.51 -8.40 -14.11
C ASN B 233 -36.42 -9.46 -13.95
N ASP B 234 -36.79 -10.72 -14.13
CA ASP B 234 -35.80 -11.78 -14.13
C ASP B 234 -34.75 -11.52 -15.22
N PRO B 235 -33.48 -11.85 -14.97
CA PRO B 235 -32.45 -11.67 -15.98
C PRO B 235 -32.55 -12.70 -17.08
N GLU B 236 -32.04 -12.34 -18.26
CA GLU B 236 -32.09 -13.17 -19.44
C GLU B 236 -30.68 -13.34 -20.01
N LEU B 237 -30.43 -14.49 -20.64
CA LEU B 237 -29.11 -14.83 -21.17
C LEU B 237 -28.96 -14.43 -22.63
N PHE B 238 -27.77 -13.92 -22.98
CA PHE B 238 -27.41 -13.56 -24.35
C PHE B 238 -25.96 -13.92 -24.63
N GLN B 239 -25.70 -14.44 -25.83
CA GLN B 239 -24.34 -14.74 -26.26
C GLN B 239 -23.75 -13.55 -27.01
N ILE B 240 -22.65 -12.99 -26.50
CA ILE B 240 -22.02 -11.92 -27.27
C ILE B 240 -21.50 -12.49 -28.59
N PRO B 241 -21.79 -11.88 -29.74
CA PRO B 241 -21.34 -12.45 -31.01
C PRO B 241 -19.82 -12.56 -31.04
N PRO B 242 -19.29 -13.74 -31.37
CA PRO B 242 -17.85 -13.97 -31.18
C PRO B 242 -16.95 -13.02 -31.95
N GLU B 243 -17.37 -12.57 -33.14
CA GLU B 243 -16.55 -11.62 -33.88
C GLU B 243 -16.35 -10.31 -33.11
N LEU B 244 -17.15 -10.05 -32.08
CA LEU B 244 -17.00 -8.85 -31.29
C LEU B 244 -16.03 -9.02 -30.14
N VAL B 245 -15.67 -10.26 -29.81
CA VAL B 245 -14.86 -10.55 -28.62
C VAL B 245 -13.41 -10.72 -29.06
N LEU B 246 -12.60 -9.68 -28.85
CA LEU B 246 -11.22 -9.73 -29.29
C LEU B 246 -10.36 -10.44 -28.24
N GLU B 247 -9.58 -11.42 -28.68
CA GLU B 247 -8.76 -12.21 -27.76
C GLU B 247 -7.32 -12.27 -28.28
N VAL B 248 -6.39 -12.48 -27.33
CA VAL B 248 -4.97 -12.47 -27.63
C VAL B 248 -4.38 -13.78 -27.13
N PRO B 249 -3.80 -14.61 -28.00
CA PRO B 249 -2.99 -15.74 -27.52
C PRO B 249 -1.68 -15.22 -26.95
N ILE B 250 -1.31 -15.73 -25.80
CA ILE B 250 -0.13 -15.23 -25.08
C ILE B 250 1.07 -16.07 -25.48
N ARG B 251 2.10 -15.42 -25.99
CA ARG B 251 3.38 -16.06 -26.27
C ARG B 251 4.50 -15.20 -25.71
N HIS B 252 5.69 -15.78 -25.68
CA HIS B 252 6.84 -15.11 -25.08
C HIS B 252 7.89 -14.79 -26.15
N PRO B 253 8.49 -13.60 -26.11
CA PRO B 253 9.48 -13.25 -27.14
C PRO B 253 10.73 -14.12 -27.17
N LYS B 254 11.07 -14.83 -26.09
CA LYS B 254 12.24 -15.70 -26.13
C LYS B 254 11.92 -17.16 -25.89
N PHE B 255 10.98 -17.46 -25.00
CA PHE B 255 10.65 -18.84 -24.66
C PHE B 255 9.64 -19.38 -25.66
N GLU B 256 10.09 -20.22 -26.58
CA GLU B 256 9.17 -20.73 -27.58
C GLU B 256 8.18 -21.73 -26.99
N TRP B 257 8.48 -22.30 -25.82
CA TRP B 257 7.51 -23.22 -25.21
C TRP B 257 6.33 -22.49 -24.59
N PHE B 258 6.41 -21.16 -24.42
CA PHE B 258 5.38 -20.46 -23.69
C PHE B 258 4.02 -20.59 -24.36
N LYS B 259 4.00 -20.54 -25.70
CA LYS B 259 2.73 -20.66 -26.41
C LYS B 259 2.07 -22.00 -26.14
N ASP B 260 2.86 -23.05 -25.90
CA ASP B 260 2.30 -24.37 -25.66
C ASP B 260 1.51 -24.46 -24.35
N LEU B 261 1.65 -23.47 -23.46
CA LEU B 261 0.82 -23.42 -22.27
C LEU B 261 -0.66 -23.22 -22.60
N GLY B 262 -0.97 -22.79 -23.82
CA GLY B 262 -2.34 -22.58 -24.22
C GLY B 262 -3.04 -21.43 -23.54
N LEU B 263 -2.31 -20.36 -23.21
CA LEU B 263 -2.89 -19.22 -22.51
C LEU B 263 -3.42 -18.19 -23.49
N LYS B 264 -4.53 -17.55 -23.12
CA LYS B 264 -5.09 -16.44 -23.88
C LYS B 264 -5.74 -15.49 -22.89
N TRP B 265 -6.05 -14.29 -23.36
CA TRP B 265 -6.91 -13.40 -22.61
C TRP B 265 -7.72 -12.55 -23.59
N TYR B 266 -8.73 -11.86 -23.06
CA TYR B 266 -9.53 -10.97 -23.88
C TYR B 266 -8.95 -9.56 -23.83
N GLY B 267 -9.20 -8.79 -24.89
CA GLY B 267 -8.58 -7.49 -24.98
C GLY B 267 -9.28 -6.38 -24.24
N LEU B 268 -10.56 -6.55 -23.91
CA LEU B 268 -11.39 -5.45 -23.44
C LEU B 268 -11.73 -5.56 -21.96
N PRO B 269 -11.14 -4.76 -21.07
CA PRO B 269 -11.58 -4.77 -19.68
C PRO B 269 -12.79 -3.86 -19.52
N ALA B 270 -13.91 -4.43 -19.08
CA ALA B 270 -15.19 -3.73 -19.10
C ALA B 270 -15.94 -4.01 -17.80
N VAL B 271 -15.84 -3.09 -16.84
CA VAL B 271 -16.50 -3.26 -15.56
C VAL B 271 -17.99 -3.01 -15.69
N SER B 272 -18.81 -3.94 -15.21
CA SER B 272 -20.25 -3.85 -15.42
C SER B 272 -21.07 -4.04 -14.15
N ASN B 273 -20.45 -4.03 -12.96
CA ASN B 273 -21.23 -4.24 -11.74
C ASN B 273 -21.19 -3.04 -10.81
N MET B 274 -20.63 -1.93 -11.23
CA MET B 274 -20.59 -0.80 -10.32
C MET B 274 -21.83 0.08 -10.48
N LEU B 275 -22.01 0.98 -9.53
CA LEU B 275 -23.11 1.94 -9.53
C LEU B 275 -22.55 3.35 -9.72
N LEU B 276 -23.17 4.12 -10.60
CA LEU B 276 -22.76 5.49 -10.92
C LEU B 276 -23.71 6.46 -10.24
N GLU B 277 -23.20 7.28 -9.33
CA GLU B 277 -24.02 8.27 -8.65
C GLU B 277 -23.70 9.66 -9.19
N ILE B 278 -24.73 10.35 -9.69
CA ILE B 278 -24.62 11.70 -10.23
C ILE B 278 -25.78 12.51 -9.65
N GLY B 279 -25.46 13.56 -8.91
CA GLY B 279 -26.49 14.47 -8.41
C GLY B 279 -27.61 13.78 -7.64
N GLY B 280 -27.28 12.78 -6.84
CA GLY B 280 -28.29 12.05 -6.10
C GLY B 280 -28.97 10.92 -6.85
N LEU B 281 -28.78 10.82 -8.17
CA LEU B 281 -29.37 9.75 -8.96
C LEU B 281 -28.44 8.54 -9.00
N GLU B 282 -29.03 7.34 -9.01
CA GLU B 282 -28.27 6.10 -8.96
C GLU B 282 -28.45 5.31 -10.25
N PHE B 283 -27.37 5.12 -10.98
CA PHE B 283 -27.37 4.34 -12.22
C PHE B 283 -26.75 2.97 -11.93
N SER B 284 -27.62 1.99 -11.61
CA SER B 284 -27.17 0.68 -11.17
C SER B 284 -26.59 -0.17 -12.30
N ALA B 285 -26.82 0.20 -13.54
CA ALA B 285 -26.24 -0.49 -14.70
C ALA B 285 -25.49 0.53 -15.52
N CYS B 286 -24.15 0.47 -15.48
CA CYS B 286 -23.34 1.47 -16.18
C CYS B 286 -22.02 0.88 -16.66
N PRO B 287 -22.04 -0.16 -17.51
CA PRO B 287 -20.78 -0.78 -17.93
C PRO B 287 -19.82 0.22 -18.54
N PHE B 288 -18.56 0.18 -18.08
CA PHE B 288 -17.53 1.07 -18.63
C PHE B 288 -16.27 0.27 -18.95
N SER B 289 -15.46 0.79 -19.86
CA SER B 289 -14.36 0.01 -20.36
C SER B 289 -13.23 0.93 -20.76
N GLY B 290 -12.00 0.41 -20.63
CA GLY B 290 -10.81 1.12 -21.03
C GLY B 290 -9.89 0.20 -21.81
N TRP B 291 -8.61 0.21 -21.44
CA TRP B 291 -7.67 -0.78 -21.94
C TRP B 291 -6.86 -1.27 -20.76
N TYR B 292 -6.24 -2.43 -20.94
CA TYR B 292 -5.58 -3.11 -19.83
C TYR B 292 -4.25 -2.47 -19.50
N MET B 293 -3.92 -2.49 -18.21
CA MET B 293 -2.55 -2.43 -17.72
C MET B 293 -2.05 -3.88 -17.58
N GLY B 294 -0.85 -4.14 -18.10
CA GLY B 294 -0.37 -5.51 -18.21
C GLY B 294 -0.49 -6.33 -16.93
N THR B 295 -0.19 -5.71 -15.79
CA THR B 295 -0.21 -6.45 -14.53
C THR B 295 -1.60 -6.91 -14.13
N GLU B 296 -2.66 -6.25 -14.60
CA GLU B 296 -4.00 -6.78 -14.29
C GLU B 296 -4.11 -8.23 -14.73
N ILE B 297 -3.61 -8.54 -15.93
CA ILE B 297 -3.64 -9.90 -16.44
C ILE B 297 -2.48 -10.72 -15.88
N GLY B 298 -1.26 -10.19 -15.99
CA GLY B 298 -0.09 -11.02 -15.80
C GLY B 298 0.22 -11.34 -14.35
N VAL B 299 -0.16 -10.46 -13.44
CA VAL B 299 0.08 -10.67 -12.01
C VAL B 299 -1.15 -11.20 -11.30
N ARG B 300 -2.30 -10.54 -11.49
CA ARG B 300 -3.49 -10.88 -10.72
C ARG B 300 -4.24 -12.06 -11.36
N ASP B 301 -4.68 -11.90 -12.61
CA ASP B 301 -5.50 -12.92 -13.25
C ASP B 301 -4.77 -14.24 -13.39
N TYR B 302 -3.48 -14.20 -13.72
CA TYR B 302 -2.74 -15.43 -13.97
C TYR B 302 -2.07 -16.00 -12.72
N CYS B 303 -1.64 -15.16 -11.78
CA CYS B 303 -0.78 -15.61 -10.70
C CYS B 303 -1.38 -15.52 -9.31
N ASP B 304 -2.52 -14.87 -9.10
CA ASP B 304 -3.21 -15.01 -7.82
C ASP B 304 -3.44 -16.49 -7.54
N ASN B 305 -3.15 -16.91 -6.31
CA ASN B 305 -3.34 -18.31 -5.94
C ASN B 305 -4.78 -18.76 -6.13
N SER B 306 -5.73 -17.83 -6.05
CA SER B 306 -7.15 -18.12 -6.15
C SER B 306 -7.70 -17.86 -7.55
N ARG B 307 -6.83 -17.54 -8.51
CA ARG B 307 -7.26 -17.38 -9.89
C ARG B 307 -6.63 -18.47 -10.75
N TYR B 308 -6.06 -18.13 -11.90
CA TYR B 308 -5.51 -19.16 -12.78
C TYR B 308 -4.27 -19.84 -12.19
N ASN B 309 -3.51 -19.13 -11.34
CA ASN B 309 -2.52 -19.76 -10.47
C ASN B 309 -1.47 -20.56 -11.25
N ILE B 310 -0.78 -19.88 -12.17
CA ILE B 310 0.07 -20.58 -13.15
C ILE B 310 1.56 -20.52 -12.84
N LEU B 311 1.96 -19.93 -11.71
CA LEU B 311 3.39 -19.75 -11.45
C LEU B 311 4.13 -21.08 -11.44
N GLU B 312 3.56 -22.10 -10.78
CA GLU B 312 4.26 -23.38 -10.70
C GLU B 312 4.49 -23.96 -12.09
N GLU B 313 3.48 -23.89 -12.95
CA GLU B 313 3.64 -24.43 -14.31
C GLU B 313 4.75 -23.70 -15.04
N VAL B 314 4.75 -22.37 -15.00
CA VAL B 314 5.74 -21.60 -15.74
C VAL B 314 7.13 -21.83 -15.20
N ALA B 315 7.29 -21.81 -13.86
CA ALA B 315 8.60 -22.03 -13.28
C ALA B 315 9.12 -23.43 -13.57
N LYS B 316 8.22 -24.40 -13.72
CA LYS B 316 8.61 -25.74 -14.15
C LYS B 316 9.27 -25.69 -15.52
N LYS B 317 8.62 -25.04 -16.50
CA LYS B 317 9.16 -24.99 -17.85
C LYS B 317 10.42 -24.15 -17.92
N MET B 318 10.58 -23.21 -16.99
CA MET B 318 11.83 -22.45 -16.84
C MET B 318 12.89 -23.25 -16.08
N ASN B 319 12.55 -24.43 -15.58
CA ASN B 319 13.49 -25.33 -14.89
C ASN B 319 14.09 -24.66 -13.66
N LEU B 320 13.29 -23.86 -12.95
CA LEU B 320 13.78 -23.18 -11.76
C LEU B 320 13.78 -24.12 -10.56
N ASP B 321 14.75 -23.90 -9.68
CA ASP B 321 14.77 -24.58 -8.38
C ASP B 321 13.62 -24.05 -7.54
N MET B 322 12.61 -24.89 -7.30
CA MET B 322 11.41 -24.48 -6.58
C MET B 322 11.38 -25.01 -5.14
N ARG B 323 12.49 -25.53 -4.62
CA ARG B 323 12.48 -26.13 -3.29
C ARG B 323 12.45 -25.13 -2.15
N LYS B 324 12.85 -23.88 -2.38
CA LYS B 324 12.94 -22.89 -1.32
C LYS B 324 12.50 -21.55 -1.84
N THR B 325 11.76 -20.79 -1.01
CA THR B 325 11.26 -19.50 -1.44
C THR B 325 12.40 -18.54 -1.76
N SER B 326 13.50 -18.61 -1.01
CA SER B 326 14.57 -17.63 -1.17
C SER B 326 15.27 -17.70 -2.51
N SER B 327 15.03 -18.73 -3.33
CA SER B 327 15.50 -18.69 -4.71
C SER B 327 14.72 -17.67 -5.55
N LEU B 328 13.60 -17.17 -5.04
CA LEU B 328 12.77 -16.18 -5.73
C LEU B 328 12.24 -16.72 -7.07
N TRP B 329 12.04 -18.04 -7.14
CA TRP B 329 11.51 -18.63 -8.37
C TRP B 329 10.15 -18.06 -8.74
N LYS B 330 9.30 -17.77 -7.74
CA LYS B 330 8.02 -17.15 -8.04
C LYS B 330 8.21 -15.78 -8.69
N ASP B 331 9.12 -14.99 -8.15
CA ASP B 331 9.37 -13.66 -8.70
C ASP B 331 9.93 -13.74 -10.11
N GLN B 332 10.78 -14.73 -10.39
CA GLN B 332 11.34 -14.86 -11.72
C GLN B 332 10.25 -15.19 -12.73
N ALA B 333 9.45 -16.22 -12.43
CA ALA B 333 8.37 -16.61 -13.32
C ALA B 333 7.37 -15.47 -13.51
N LEU B 334 7.11 -14.71 -12.44
CA LEU B 334 6.14 -13.62 -12.55
C LEU B 334 6.58 -12.59 -13.59
N VAL B 335 7.87 -12.22 -13.57
CA VAL B 335 8.34 -11.24 -14.54
C VAL B 335 8.23 -11.77 -15.96
N GLU B 336 8.58 -13.04 -16.16
CA GLU B 336 8.49 -13.60 -17.51
C GLU B 336 7.05 -13.66 -18.01
N ILE B 337 6.11 -13.93 -17.10
CA ILE B 337 4.71 -13.99 -17.51
C ILE B 337 4.24 -12.61 -17.96
N ASN B 338 4.68 -11.57 -17.28
CA ASN B 338 4.24 -10.23 -17.62
C ASN B 338 4.93 -9.69 -18.86
N ILE B 339 6.16 -10.15 -19.14
CA ILE B 339 6.79 -9.87 -20.43
C ILE B 339 5.95 -10.47 -21.55
N ALA B 340 5.48 -11.71 -21.37
CA ALA B 340 4.73 -12.39 -22.43
C ALA B 340 3.43 -11.66 -22.73
N VAL B 341 2.72 -11.20 -21.69
CA VAL B 341 1.43 -10.56 -21.90
C VAL B 341 1.61 -9.27 -22.68
N LEU B 342 2.57 -8.43 -22.27
CA LEU B 342 2.80 -7.17 -22.97
C LEU B 342 3.23 -7.42 -24.41
N TYR B 343 4.20 -8.33 -24.60
CA TYR B 343 4.65 -8.67 -25.94
C TYR B 343 3.48 -9.14 -26.81
N SER B 344 2.56 -9.90 -26.23
CA SER B 344 1.51 -10.52 -27.03
C SER B 344 0.49 -9.48 -27.50
N PHE B 345 0.02 -8.62 -26.59
CA PHE B 345 -0.90 -7.55 -26.97
C PHE B 345 -0.25 -6.62 -27.99
N GLN B 346 1.01 -6.25 -27.75
CA GLN B 346 1.70 -5.36 -28.67
C GLN B 346 1.86 -5.99 -30.04
N SER B 347 2.24 -7.27 -30.09
CA SER B 347 2.40 -7.94 -31.38
C SER B 347 1.09 -8.01 -32.15
N ASP B 348 -0.05 -8.10 -31.46
CA ASP B 348 -1.35 -8.12 -32.11
C ASP B 348 -1.97 -6.73 -32.22
N LYS B 349 -1.21 -5.68 -31.89
CA LYS B 349 -1.69 -4.31 -31.99
C LYS B 349 -3.00 -4.12 -31.23
N VAL B 350 -3.05 -4.67 -30.02
CA VAL B 350 -4.14 -4.42 -29.08
C VAL B 350 -3.60 -3.49 -28.01
N THR B 351 -4.32 -2.41 -27.74
CA THR B 351 -3.87 -1.42 -26.77
C THR B 351 -3.59 -2.06 -25.42
N ILE B 352 -2.42 -1.78 -24.87
CA ILE B 352 -2.08 -2.21 -23.51
C ILE B 352 -1.04 -1.23 -22.99
N VAL B 353 -0.98 -1.08 -21.68
CA VAL B 353 0.02 -0.21 -21.07
C VAL B 353 0.77 -1.02 -20.02
N ASP B 354 2.08 -0.83 -19.95
CA ASP B 354 2.85 -1.45 -18.88
C ASP B 354 2.76 -0.58 -17.62
N HIS B 355 3.08 -1.18 -16.47
CA HIS B 355 2.91 -0.47 -15.20
C HIS B 355 3.93 0.65 -15.04
N HIS B 356 5.08 0.58 -15.72
CA HIS B 356 6.01 1.69 -15.69
C HIS B 356 5.43 2.91 -16.40
N SER B 357 4.93 2.73 -17.62
CA SER B 357 4.33 3.83 -18.34
C SER B 357 3.08 4.34 -17.65
N ALA B 358 2.25 3.43 -17.13
CA ALA B 358 0.99 3.84 -16.51
C ALA B 358 1.24 4.71 -15.26
N THR B 359 2.17 4.29 -14.40
CA THR B 359 2.39 5.05 -13.17
C THR B 359 3.06 6.39 -13.46
N GLU B 360 3.99 6.41 -14.42
CA GLU B 360 4.55 7.69 -14.86
C GLU B 360 3.44 8.64 -15.32
N SER B 361 2.50 8.14 -16.13
CA SER B 361 1.38 8.96 -16.56
CA SER B 361 1.39 8.98 -16.55
C SER B 361 0.56 9.46 -15.37
N PHE B 362 0.38 8.59 -14.36
CA PHE B 362 -0.44 9.02 -13.22
C PHE B 362 0.24 10.12 -12.43
N ILE B 363 1.57 10.07 -12.29
CA ILE B 363 2.28 11.16 -11.62
C ILE B 363 2.08 12.46 -12.38
N LYS B 364 2.16 12.41 -13.72
CA LYS B 364 1.92 13.60 -14.52
C LYS B 364 0.48 14.07 -14.37
N HIS B 365 -0.47 13.12 -14.37
CA HIS B 365 -1.86 13.45 -14.10
C HIS B 365 -2.02 14.16 -12.75
N MET B 366 -1.40 13.63 -11.70
CA MET B 366 -1.47 14.29 -10.40
C MET B 366 -0.98 15.73 -10.47
N GLU B 367 0.19 15.95 -11.11
CA GLU B 367 0.70 17.31 -11.26
CA GLU B 367 0.69 17.32 -11.24
C GLU B 367 -0.33 18.21 -11.94
N ASN B 368 -0.95 17.70 -13.00
CA ASN B 368 -1.98 18.44 -13.73
C ASN B 368 -3.13 18.83 -12.82
N GLU B 369 -3.66 17.83 -12.08
CA GLU B 369 -4.85 18.06 -11.27
C GLU B 369 -4.56 19.00 -10.11
N TYR B 370 -3.38 18.89 -9.50
CA TYR B 370 -3.07 19.83 -8.41
C TYR B 370 -3.03 21.25 -8.93
N ARG B 371 -2.49 21.45 -10.14
CA ARG B 371 -2.43 22.80 -10.70
C ARG B 371 -3.81 23.34 -11.02
N CYS B 372 -4.60 22.60 -11.79
CA CYS B 372 -5.84 23.17 -12.30
C CYS B 372 -7.02 22.97 -11.37
N ARG B 373 -6.97 21.93 -10.52
CA ARG B 373 -8.09 21.57 -9.65
C ARG B 373 -7.77 21.71 -8.16
N GLY B 374 -6.50 21.83 -7.79
CA GLY B 374 -6.16 21.91 -6.38
C GLY B 374 -6.02 20.58 -5.68
N GLY B 375 -6.06 19.47 -6.40
CA GLY B 375 -5.78 18.20 -5.78
C GLY B 375 -6.24 17.06 -6.65
N CYS B 376 -6.01 15.86 -6.14
CA CYS B 376 -6.39 14.66 -6.85
C CYS B 376 -6.50 13.54 -5.82
N PRO B 377 -7.71 13.05 -5.54
CA PRO B 377 -7.85 11.96 -4.57
C PRO B 377 -7.22 10.69 -5.12
N ALA B 378 -6.47 10.00 -4.27
CA ALA B 378 -5.77 8.84 -4.79
C ALA B 378 -5.50 7.85 -3.66
N ASP B 379 -5.67 6.58 -3.98
CA ASP B 379 -5.62 5.49 -3.02
C ASP B 379 -4.32 4.72 -3.27
N TRP B 380 -3.31 5.00 -2.45
CA TRP B 380 -1.98 4.42 -2.69
C TRP B 380 -2.05 2.90 -2.76
N VAL B 381 -2.85 2.29 -1.89
CA VAL B 381 -2.96 0.84 -1.82
C VAL B 381 -3.37 0.25 -3.17
N TRP B 382 -4.19 0.97 -3.93
CA TRP B 382 -4.62 0.49 -5.24
C TRP B 382 -3.78 1.02 -6.40
N ILE B 383 -3.22 2.23 -6.26
CA ILE B 383 -2.46 2.86 -7.33
C ILE B 383 -1.11 2.16 -7.55
N VAL B 384 -0.47 1.70 -6.48
CA VAL B 384 0.83 1.03 -6.64
C VAL B 384 0.63 -0.34 -7.28
N PRO B 385 1.36 -0.68 -8.34
CA PRO B 385 1.12 -1.93 -9.07
C PRO B 385 1.44 -3.15 -8.21
N PRO B 386 0.83 -4.31 -8.54
CA PRO B 386 1.04 -5.50 -7.71
C PRO B 386 2.38 -6.18 -7.88
N MET B 387 3.30 -5.61 -8.67
CA MET B 387 4.66 -6.11 -8.78
C MET B 387 5.59 -4.92 -8.96
N SER B 388 6.84 -5.08 -8.50
CA SER B 388 7.87 -4.07 -8.70
C SER B 388 7.46 -2.71 -8.17
N GLY B 389 6.69 -2.67 -7.10
CA GLY B 389 6.22 -1.42 -6.52
C GLY B 389 7.21 -0.28 -6.44
N SER B 390 8.33 -0.46 -5.75
CA SER B 390 9.17 0.71 -5.47
C SER B 390 10.05 1.12 -6.64
N ILE B 391 10.07 0.38 -7.74
CA ILE B 391 10.74 0.92 -8.93
C ILE B 391 9.75 1.65 -9.85
N THR B 392 8.46 1.84 -9.39
CA THR B 392 7.56 2.75 -10.07
C THR B 392 7.46 4.04 -9.26
N PRO B 393 7.21 5.19 -9.91
CA PRO B 393 7.24 6.46 -9.17
C PRO B 393 6.10 6.64 -8.19
N VAL B 394 4.97 5.95 -8.36
CA VAL B 394 3.89 6.16 -7.40
C VAL B 394 4.25 5.63 -6.03
N PHE B 395 5.13 4.63 -5.95
CA PHE B 395 5.49 4.08 -4.65
C PHE B 395 6.00 5.16 -3.71
N HIS B 396 6.69 6.16 -4.25
CA HIS B 396 7.33 7.21 -3.47
C HIS B 396 6.47 8.46 -3.35
N GLN B 397 5.23 8.40 -3.81
CA GLN B 397 4.36 9.55 -3.89
C GLN B 397 3.36 9.48 -2.76
N GLU B 398 3.37 10.48 -1.88
CA GLU B 398 2.30 10.56 -0.89
C GLU B 398 1.02 10.94 -1.61
N MET B 399 -0.08 10.35 -1.18
CA MET B 399 -1.39 10.59 -1.79
C MET B 399 -2.40 10.84 -0.69
N LEU B 400 -3.31 11.78 -0.91
CA LEU B 400 -4.45 11.95 -0.03
C LEU B 400 -5.63 11.28 -0.69
N ASN B 401 -6.36 10.47 0.07
CA ASN B 401 -7.55 9.81 -0.42
C ASN B 401 -8.76 10.45 0.22
N TYR B 402 -9.72 10.87 -0.61
CA TYR B 402 -10.97 11.44 -0.12
C TYR B 402 -12.02 11.23 -1.20
N ARG B 403 -13.27 11.39 -0.81
CA ARG B 403 -14.38 10.95 -1.67
C ARG B 403 -15.10 12.17 -2.26
N LEU B 404 -15.06 12.28 -3.58
CA LEU B 404 -15.74 13.33 -4.31
C LEU B 404 -16.89 12.74 -5.12
N THR B 405 -17.93 13.54 -5.32
CA THR B 405 -19.02 13.09 -6.18
C THR B 405 -19.13 14.03 -7.38
N PRO B 406 -19.59 13.53 -8.55
CA PRO B 406 -20.05 12.19 -8.94
C PRO B 406 -19.03 11.08 -8.72
N SER B 407 -19.52 9.85 -8.53
CA SER B 407 -18.60 8.77 -8.18
C SER B 407 -19.15 7.43 -8.64
N PHE B 408 -18.23 6.47 -8.77
CA PHE B 408 -18.55 5.07 -8.89
C PHE B 408 -18.51 4.43 -7.51
N GLU B 409 -19.48 3.57 -7.23
CA GLU B 409 -19.64 2.90 -5.94
C GLU B 409 -19.88 1.41 -6.17
N TYR B 410 -19.52 0.60 -5.19
CA TYR B 410 -19.93 -0.80 -5.23
C TYR B 410 -21.39 -0.94 -4.82
N GLN B 411 -21.97 -2.06 -5.21
CA GLN B 411 -23.34 -2.41 -4.89
C GLN B 411 -23.42 -3.91 -4.66
N PRO B 412 -24.45 -4.37 -3.98
CA PRO B 412 -24.58 -5.82 -3.74
C PRO B 412 -24.72 -6.59 -5.04
N ASP B 413 -24.25 -7.84 -5.00
CA ASP B 413 -24.49 -8.75 -6.11
C ASP B 413 -25.99 -8.98 -6.30
N PRO B 414 -26.49 -8.94 -7.54
CA PRO B 414 -27.93 -9.05 -7.75
C PRO B 414 -28.54 -10.35 -7.26
N TRP B 415 -27.79 -11.45 -7.26
CA TRP B 415 -28.36 -12.71 -6.82
C TRP B 415 -28.55 -12.79 -5.30
N ASN B 416 -28.11 -11.79 -4.55
CA ASN B 416 -28.40 -11.74 -3.13
C ASN B 416 -29.60 -10.86 -2.81
N THR B 417 -30.12 -10.13 -3.80
CA THR B 417 -31.23 -9.21 -3.59
C THR B 417 -32.46 -9.54 -4.43
N HIS B 418 -32.30 -10.18 -5.59
CA HIS B 418 -33.39 -10.29 -6.55
C HIS B 418 -34.44 -11.29 -6.07
N VAL B 419 -35.70 -10.84 -6.01
CA VAL B 419 -36.81 -11.75 -5.73
C VAL B 419 -37.25 -12.36 -7.06
N TRP B 420 -36.99 -13.65 -7.23
CA TRP B 420 -37.23 -14.31 -8.50
C TRP B 420 -38.72 -14.51 -8.74
N LYS B 421 -39.17 -14.13 -9.92
CA LYS B 421 -40.55 -14.36 -10.32
C LYS B 421 -40.62 -15.55 -11.28
CHA HEM C . 10.09 -1.43 10.31
CHB HEM C . 11.54 -5.96 9.48
CHC HEM C . 13.13 -6.15 14.05
CHD HEM C . 10.82 -2.03 15.08
C1A HEM C . 10.49 -2.56 9.66
C2A HEM C . 10.58 -2.76 8.22
C3A HEM C . 10.99 -4.01 7.99
C4A HEM C . 11.16 -4.66 9.26
CMA HEM C . 11.24 -4.64 6.60
CAA HEM C . 10.32 -1.71 7.13
CBA HEM C . 11.68 -1.03 7.04
CGA HEM C . 11.79 0.03 5.97
O1A HEM C . 11.23 -0.17 4.87
O2A HEM C . 12.47 1.05 6.25
C1B HEM C . 12.09 -6.39 10.65
C2B HEM C . 12.69 -7.70 10.85
C3B HEM C . 13.12 -7.77 12.11
C4B HEM C . 12.81 -6.51 12.75
CMB HEM C . 12.80 -8.80 9.78
CAB HEM C . 13.82 -9.03 12.69
CBB HEM C . 13.94 -9.23 14.00
C1C HEM C . 12.68 -5.04 14.71
C2C HEM C . 12.97 -4.70 16.10
C3C HEM C . 12.33 -3.55 16.39
C4C HEM C . 11.60 -3.14 15.20
CMC HEM C . 13.90 -5.56 16.98
CAC HEM C . 12.27 -2.74 17.70
CBC HEM C . 12.55 -3.31 18.90
C1D HEM C . 10.44 -1.50 13.86
C2D HEM C . 9.85 -0.20 13.67
C3D HEM C . 9.65 -0.04 12.36
C4D HEM C . 10.12 -1.22 11.68
CMD HEM C . 9.49 0.80 14.77
CAD HEM C . 9.03 1.21 11.68
CBD HEM C . 10.25 2.02 11.24
CGD HEM C . 9.89 3.35 10.62
O1D HEM C . 8.68 3.75 10.63
O2D HEM C . 10.84 4.02 10.11
NA HEM C . 10.84 -3.75 10.25
NB HEM C . 12.17 -5.69 11.84
NC HEM C . 11.84 -4.07 14.20
ND HEM C . 10.61 -2.11 12.63
FE HEM C . 11.04 -4.05 12.29
N1 H4B D . 7.22 0.79 3.01
C2 H4B D . 8.36 0.51 3.68
N2 H4B D . 8.51 -0.70 4.27
N3 H4B D . 9.33 1.43 3.75
C4 H4B D . 9.24 2.64 3.18
O4 H4B D . 10.19 3.44 3.30
C4A H4B D . 8.08 2.94 2.50
C8A H4B D . 7.06 2.00 2.43
N5 H4B D . 7.91 4.14 1.91
N8 H4B D . 5.92 2.24 1.76
C6 H4B D . 6.53 4.59 1.73
C7 H4B D . 5.70 3.51 1.06
C9 H4B D . 6.42 5.89 0.90
O9 H4B D . 7.11 5.69 -0.34
C10 H4B D . 4.97 6.24 0.63
C11 H4B D . 4.82 7.56 -0.13
O10 H4B D . 4.26 6.33 1.87
C02 XVO E . 14.97 -4.59 9.93
C03 XVO E . 15.06 -4.78 11.30
C04 XVO E . 15.01 -3.67 12.15
C05 XVO E . 14.86 -2.40 11.59
C06 XVO E . 14.75 -2.26 10.21
C07 XVO E . 14.66 -0.90 9.55
C08 XVO E . 16.14 -0.79 9.20
C11 XVO E . 18.02 0.36 8.10
C12 XVO E . 18.60 1.33 7.30
C13 XVO E . 17.78 2.27 6.69
C14 XVO E . 16.41 2.25 6.90
C15 XVO E . 15.83 1.27 7.71
C16 XVO E . 16.65 0.32 8.31
C17 XVO E . 15.57 3.29 6.21
C18 XVO E . 15.92 3.21 4.73
C20 XVO E . 14.66 4.91 3.62
C21 XVO E . 14.78 2.69 2.68
F11 XVO E . 18.81 -0.56 8.69
F12 XVO E . 19.93 1.35 7.13
N01 XVO E . 14.83 -3.35 9.43
N02 XVO E . 15.01 -5.65 9.07
N19 XVO E . 14.73 3.47 3.92
C1 GOL F . -3.38 -3.03 25.79
O1 GOL F . -2.74 -2.01 25.05
C2 GOL F . -2.36 -4.13 26.09
O2 GOL F . -1.14 -3.77 25.50
C3 GOL F . -2.82 -5.46 25.50
O3 GOL F . -1.73 -6.37 25.48
C1 GOL G . 14.10 -11.12 26.60
O1 GOL G . 14.74 -12.18 25.91
C2 GOL G . 14.82 -10.70 27.87
O2 GOL G . 13.96 -11.03 28.95
C3 GOL G . 15.00 -9.19 27.91
O3 GOL G . 16.36 -8.82 27.92
ZN ZN H . -6.89 6.33 6.84
CHA HEM I . -9.51 0.97 -11.14
CHB HEM I . -6.48 1.19 -14.92
CHC HEM I . -10.04 3.32 -17.44
CHD HEM I . -12.90 3.53 -13.57
C1A HEM I . -8.46 0.69 -11.97
C2A HEM I . -7.39 -0.27 -11.76
C3A HEM I . -6.56 -0.20 -12.83
C4A HEM I . -7.06 0.81 -13.73
CMA HEM I . -5.27 -1.02 -13.08
CAA HEM I . -7.25 -1.23 -10.56
CBA HEM I . -8.34 -2.27 -10.75
CGA HEM I . -7.98 -3.59 -10.15
O1A HEM I . -6.83 -3.74 -9.67
O2A HEM I . -8.87 -4.49 -10.16
C1B HEM I . -7.17 1.78 -15.94
C2B HEM I . -6.70 2.02 -17.29
C3B HEM I . -7.67 2.61 -17.98
C4B HEM I . -8.82 2.77 -17.09
CMB HEM I . -5.29 1.66 -17.83
CAB HEM I . -7.50 3.01 -19.47
CBB HEM I . -8.33 3.85 -20.11
C1C HEM I . -11.16 3.55 -16.66
C2C HEM I . -12.46 4.07 -17.09
C3C HEM I . -13.25 4.11 -16.01
C4C HEM I . -12.47 3.64 -14.88
CMC HEM I . -12.86 4.45 -18.55
CAC HEM I . -14.71 4.61 -15.85
CBC HEM I . -15.23 5.56 -16.63
C1D HEM I . -12.20 2.87 -12.58
C2D HEM I . -12.65 2.71 -11.22
C3D HEM I . -11.74 2.01 -10.57
C4D HEM I . -10.66 1.69 -11.47
CMD HEM I . -13.96 3.23 -10.60
CAD HEM I . -11.86 1.65 -9.08
CBD HEM I . -12.69 0.40 -8.96
CGD HEM I . -12.82 0.02 -7.52
O1D HEM I . -12.96 0.91 -6.63
O2D HEM I . -12.79 -1.20 -7.24
NA HEM I . -8.21 1.33 -13.17
NB HEM I . -8.46 2.25 -15.84
NC HEM I . -11.23 3.30 -15.32
ND HEM I . -10.97 2.23 -12.70
FE HEM I . -9.59 2.57 -14.15
N1 H4B J . -4.84 -2.92 -5.57
C2 H4B J . -5.46 -3.06 -6.76
N2 H4B J . -5.09 -2.26 -7.78
N3 H4B J . -6.42 -4.00 -6.93
C4 H4B J . -6.79 -4.81 -5.91
O4 H4B J . -7.70 -5.67 -6.10
C4A H4B J . -6.17 -4.67 -4.69
C8A H4B J . -5.19 -3.69 -4.53
N5 H4B J . -6.52 -5.42 -3.62
N8 H4B J . -4.54 -3.53 -3.34
C6 H4B J . -6.29 -4.81 -2.30
C7 H4B J . -4.83 -4.37 -2.17
C9 H4B J . -6.63 -5.76 -1.16
O9 H4B J . -5.89 -6.98 -1.33
C10 H4B J . -6.29 -5.13 0.19
C11 H4B J . -6.69 -6.02 1.35
O10 H4B J . -6.96 -3.85 0.30
C02 XVO K . -8.73 -1.35 -16.80
C02 XVO K . -8.79 -1.32 -16.75
C03 XVO K . -9.64 -0.50 -17.38
C03 XVO K . -9.64 -0.32 -17.18
C04 XVO K . -10.90 -0.36 -16.82
C04 XVO K . -10.91 -0.21 -16.65
C05 XVO K . -11.22 -1.08 -15.67
C05 XVO K . -11.33 -1.12 -15.69
C06 XVO K . -10.27 -1.93 -15.12
C06 XVO K . -10.45 -2.12 -15.28
C07 XVO K . -10.60 -2.73 -13.88
C07 XVO K . -10.86 -3.16 -14.25
C08 XVO K . -11.21 -1.74 -12.89
C08 XVO K . -10.36 -4.45 -14.89
C11 XVO K . -13.11 -1.76 -11.34
C11 XVO K . -11.38 -6.65 -15.39
C12 XVO K . -13.89 -2.30 -10.34
C12 XVO K . -11.94 -7.85 -15.03
C13 XVO K . -13.54 -3.51 -9.76
C13 XVO K . -12.11 -8.17 -13.70
C14 XVO K . -12.42 -4.17 -10.21
C14 XVO K . -11.72 -7.27 -12.71
C15 XVO K . -11.64 -3.64 -11.23
C15 XVO K . -11.16 -6.05 -13.06
C16 XVO K . -12.00 -2.41 -11.80
C16 XVO K . -10.99 -5.74 -14.41
C17 XVO K . -12.05 -5.50 -9.58
C17 XVO K . -11.94 -7.67 -11.28
C18 XVO K . -12.35 -5.43 -8.08
C18 XVO K . -10.71 -7.25 -10.47
C20 XVO K . -11.10 -6.19 -6.17
C20 XVO K . -11.75 -7.89 -8.37
C21 XVO K . -12.82 -7.59 -7.15
C21 XVO K . -10.49 -9.49 -9.64
F11 XVO K . -13.44 -0.58 -11.90
F11 XVO K . -11.21 -6.32 -16.68
F12 XVO K . -14.99 -1.63 -9.91
F12 XVO K . -12.33 -8.72 -15.99
N01 XVO K . -9.06 -2.06 -15.69
N01 XVO K . -9.21 -2.20 -15.82
N02 XVO K . -7.49 -1.52 -17.33
N02 XVO K . -7.54 -1.43 -17.26
N19 XVO K . -11.77 -6.59 -7.42
N19 XVO K . -10.59 -8.09 -9.26
C1 GOL L . -15.75 19.63 -6.56
O1 GOL L . -15.96 18.27 -6.26
C2 GOL L . -15.67 19.77 -8.07
O2 GOL L . -15.85 18.50 -8.64
C3 GOL L . -14.30 20.32 -8.49
O3 GOL L . -14.18 20.25 -9.90
#